data_5U76
#
_entry.id   5U76
#
_cell.length_a   1
_cell.length_b   1
_cell.length_c   1
_cell.angle_alpha   90.00
_cell.angle_beta   90.00
_cell.angle_gamma   90.00
#
_symmetry.space_group_name_H-M   'P 1'
#
_entity_poly.entity_id   1
_entity_poly.type   'polypeptide(L)'
_entity_poly.pdbx_seq_one_letter_code
;MARAKLKNSPSESNSHVKTVPPATTEDVRGVSPLLPARRMGSLGSDVGQRPHAEDFSMDSSFSQVQVEFYVNENTFKERL
KLFFIKNQRSSLRIRLFNFSLKLLTCLLYIVRVLLDNPEEGIGCWECEKQNYTLFNQSTKINWSHIFWVDRKLPLWAVQV
SIALISFLETMLLIYLSYKGNIWEQIFRISFILEMINTVPFIITIFWPPLRNLFIPVFLNCWLAKYALENMINDLHRAIQ
RTQSAMFNQVLILICTLLCLVFTGTCGIQHLERAGEKLSLFKSFYFCIVTFSTVGYGDVTPKIWPSQLLVVIMICVALVV
LPLQFEELVYLWMERQKSGGNYSRHRAQTEKHVVLCVSSLKIDLLMDFLNEFYAHPRLQDYYVVILCPTEMDIQVRRVLQ
IPLWSQRVIYLQGSALKDQDLMRAKMDNGEACFILSSRNEVDRTAADHQTILRAWAVKDFAPNCPLYVQILKPENKFHVK
FADHVVCEEECKYAMLALNCVCPATSTLITLLVHTSRGQEGQESPEQWQRMYGRCSGNEVYHIRMGDSKFFMEYEGKSFT
YAAFHAHKKYGVCLIGIRREENKSILLNPGPRHIMAASDTCFYINITKEENSAFIFKQAEKQKKKGFAGRGTYDGPSRLP
VHSIIASMGTVAMDLQNTECRPTNSSKLALPAENGSGNRRPSIAPVLELADTSSLLPCDLLSDQSEDEMTQSDEEGSAVV
EYVKGYPPNSPYIGSSPTLCHLLPEKAPFCCLRLDKGCKHNSFEDAKAYGFKNKLIIVSAETAGNGLYNFIVPLRAYYRS
RKELNPIVLLLDNKPEHHFLEAICCFPMVYYMEGTIDNLDSLLQCGIIYADNLVVVDKESTMSAEEDYMADAKTIVNVQT
MFRLFPSLSIITELTHPSNMRFMQFRAKDSYSLALSKLEKKERENGSNLAFMFRLPFAAGRVFSISMLDTLLYQSFVKDY
MITITRLLLGLDTTPGSGYLCAMKITEDDLWIRTYGRLFQKLCSSSAEIPIGIYRTESHMFATSEPHDIRAQSQISINVE
DCEDTKDVKEHWGIKTGHHRNSCSSDQSEHPLLRRKSMQWARRLSRKGNKHSGKTAEWISQQRLSLYRRSERQELSELVK
NRMKHLGLPTTGYDEMNDHQNTLSYVLINPPPDTRLELNDIVYLIRSDPLAHVANDGHSRKSSCSNKLGPCNPETRDETQ
L
;
_entity_poly.pdbx_strand_id   A
#
# COMPACT_ATOMS: atom_id res chain seq x y z
N LYS A 77 27.64 -23.32 -47.73
CA LYS A 77 26.82 -22.17 -48.23
C LYS A 77 25.31 -22.39 -48.02
N GLU A 78 24.83 -23.57 -48.39
CA GLU A 78 23.41 -23.95 -48.23
C GLU A 78 23.19 -24.76 -46.95
N ARG A 79 23.93 -25.87 -46.82
CA ARG A 79 23.72 -26.85 -45.74
C ARG A 79 24.26 -26.38 -44.39
N LEU A 80 25.55 -26.05 -44.35
CA LEU A 80 26.21 -25.63 -43.10
C LEU A 80 25.78 -24.23 -42.60
N LYS A 81 25.29 -23.37 -43.49
CA LYS A 81 24.89 -22.00 -43.12
C LYS A 81 23.63 -21.93 -42.24
N LEU A 82 22.68 -22.84 -42.47
CA LEU A 82 21.47 -22.93 -41.64
C LEU A 82 21.75 -23.45 -40.22
N PHE A 83 22.86 -24.19 -40.04
CA PHE A 83 23.24 -24.78 -38.75
C PHE A 83 24.26 -23.92 -37.97
N PHE A 84 25.21 -23.28 -38.67
CA PHE A 84 26.22 -22.41 -38.01
C PHE A 84 25.61 -21.14 -37.39
N ILE A 85 25.20 -20.20 -38.26
CA ILE A 85 24.75 -18.86 -37.82
C ILE A 85 23.26 -18.82 -37.49
N LYS A 86 22.42 -19.37 -38.37
CA LYS A 86 20.96 -19.24 -38.27
C LYS A 86 20.33 -20.27 -37.34
N ASN A 87 20.70 -20.20 -36.06
CA ASN A 87 20.21 -21.08 -34.99
C ASN A 87 20.71 -20.59 -33.64
N GLN A 88 19.99 -20.96 -32.57
CA GLN A 88 20.38 -20.59 -31.20
C GLN A 88 21.16 -21.71 -30.50
N ARG A 89 20.71 -22.95 -30.65
CA ARG A 89 21.36 -24.12 -30.02
C ARG A 89 22.68 -24.49 -30.66
N SER A 90 22.67 -24.63 -31.99
CA SER A 90 23.86 -25.04 -32.75
C SER A 90 24.96 -23.97 -32.80
N SER A 91 24.58 -22.70 -32.78
CA SER A 91 25.53 -21.59 -32.70
C SER A 91 26.25 -21.53 -31.35
N LEU A 92 25.55 -21.94 -30.28
CA LEU A 92 26.12 -22.01 -28.93
C LEU A 92 27.14 -23.17 -28.77
N ARG A 93 26.96 -24.24 -29.55
CA ARG A 93 27.84 -25.42 -29.50
C ARG A 93 29.18 -25.21 -30.20
N ILE A 94 29.16 -24.51 -31.34
CA ILE A 94 30.39 -24.25 -32.13
C ILE A 94 31.30 -23.24 -31.41
N ARG A 95 30.70 -22.27 -30.72
CA ARG A 95 31.45 -21.34 -29.87
C ARG A 95 32.03 -22.04 -28.62
N LEU A 96 31.28 -22.99 -28.05
CA LEU A 96 31.79 -23.84 -26.96
C LEU A 96 32.95 -24.74 -27.40
N PHE A 97 32.89 -25.24 -28.64
CA PHE A 97 33.96 -26.09 -29.20
C PHE A 97 35.22 -25.26 -29.46
N ASN A 98 35.05 -24.09 -30.06
CA ASN A 98 36.16 -23.14 -30.27
C ASN A 98 36.70 -22.55 -28.96
N PHE A 99 35.85 -22.41 -27.96
CA PHE A 99 36.26 -21.98 -26.61
C PHE A 99 37.11 -23.04 -25.90
N SER A 100 36.54 -24.23 -25.73
CA SER A 100 37.18 -25.32 -24.99
C SER A 100 38.41 -25.90 -25.70
N LEU A 101 38.50 -25.77 -27.02
CA LEU A 101 39.73 -26.08 -27.76
C LEU A 101 40.88 -25.15 -27.35
N LYS A 102 40.59 -23.86 -27.25
CA LYS A 102 41.60 -22.85 -26.88
C LYS A 102 41.97 -22.87 -25.39
N LEU A 103 41.15 -23.51 -24.56
CA LEU A 103 41.54 -23.83 -23.18
C LEU A 103 42.65 -24.87 -23.15
N LEU A 104 42.52 -25.90 -23.98
CA LEU A 104 43.49 -27.01 -24.03
C LEU A 104 44.89 -26.56 -24.43
N THR A 105 44.99 -25.74 -25.48
CA THR A 105 46.29 -25.24 -25.97
C THR A 105 47.04 -24.42 -24.93
N CYS A 106 46.33 -23.61 -24.16
CA CYS A 106 46.92 -22.82 -23.08
C CYS A 106 47.35 -23.70 -21.89
N LEU A 107 46.48 -24.63 -21.51
CA LEU A 107 46.77 -25.56 -20.40
C LEU A 107 47.84 -26.60 -20.76
N LEU A 108 47.92 -26.99 -22.03
CA LEU A 108 49.01 -27.84 -22.53
C LEU A 108 50.35 -27.09 -22.54
N TYR A 109 50.30 -25.78 -22.80
CA TYR A 109 51.50 -24.93 -22.75
C TYR A 109 52.10 -24.84 -21.34
N ILE A 110 51.27 -24.96 -20.31
CA ILE A 110 51.73 -24.96 -18.91
C ILE A 110 52.60 -26.19 -18.61
N VAL A 111 52.20 -27.35 -19.14
CA VAL A 111 52.86 -28.62 -18.84
C VAL A 111 54.24 -28.73 -19.51
N ARG A 112 54.33 -28.36 -20.78
CA ARG A 112 55.62 -28.40 -21.51
C ARG A 112 56.68 -27.43 -20.95
N VAL A 113 56.23 -26.32 -20.37
CA VAL A 113 57.12 -25.39 -19.67
C VAL A 113 57.65 -25.99 -18.37
N LEU A 114 56.81 -26.75 -17.67
CA LEU A 114 57.20 -27.45 -16.43
C LEU A 114 58.26 -28.56 -16.63
N LEU A 115 58.36 -29.11 -17.84
CA LEU A 115 59.28 -30.24 -18.12
C LEU A 115 60.60 -29.86 -18.84
N ASP A 116 60.64 -28.71 -19.52
CA ASP A 116 61.75 -28.38 -20.43
C ASP A 116 63.06 -27.94 -19.76
N ASN A 117 62.96 -27.07 -18.74
CA ASN A 117 64.11 -26.38 -18.12
C ASN A 117 64.78 -25.39 -19.08
N LYS A 140 76.21 -11.05 -22.22
CA LYS A 140 75.65 -11.96 -23.22
C LYS A 140 74.13 -12.03 -23.11
N ILE A 141 73.45 -12.10 -24.25
CA ILE A 141 72.00 -12.19 -24.33
C ILE A 141 71.62 -13.43 -25.14
N ASN A 142 71.26 -14.51 -24.45
CA ASN A 142 70.97 -15.80 -25.10
C ASN A 142 69.60 -15.84 -25.77
N TRP A 143 69.60 -15.82 -27.11
CA TRP A 143 68.40 -16.13 -27.90
C TRP A 143 68.30 -17.63 -28.24
N SER A 144 69.24 -18.44 -27.73
CA SER A 144 69.15 -19.90 -27.81
C SER A 144 67.98 -20.45 -26.99
N HIS A 145 67.88 -19.99 -25.74
CA HIS A 145 66.79 -20.40 -24.84
C HIS A 145 65.41 -19.79 -25.16
N ILE A 146 65.38 -18.73 -25.98
CA ILE A 146 64.15 -18.00 -26.27
C ILE A 146 63.35 -18.63 -27.43
N PHE A 147 64.03 -18.97 -28.54
CA PHE A 147 63.34 -19.50 -29.74
C PHE A 147 63.56 -21.02 -29.95
N TRP A 148 64.81 -21.46 -29.95
CA TRP A 148 65.11 -22.91 -30.05
C TRP A 148 64.85 -23.59 -28.69
N VAL A 149 63.60 -23.98 -28.47
CA VAL A 149 63.14 -24.53 -27.18
C VAL A 149 62.52 -25.91 -27.38
N ASP A 150 63.12 -26.92 -26.76
CA ASP A 150 62.69 -28.31 -26.95
C ASP A 150 61.31 -28.57 -26.36
N ARG A 151 60.28 -28.32 -27.16
CA ARG A 151 58.89 -28.60 -26.78
C ARG A 151 58.63 -30.09 -26.92
N LYS A 152 57.80 -30.63 -26.03
CA LYS A 152 57.53 -32.08 -26.01
C LYS A 152 56.75 -32.53 -27.25
N LEU A 153 57.16 -33.68 -27.80
CA LEU A 153 56.59 -34.22 -29.03
C LEU A 153 55.12 -34.68 -28.91
N PRO A 154 54.76 -35.40 -27.82
CA PRO A 154 53.35 -35.79 -27.68
C PRO A 154 52.39 -34.62 -27.37
N LEU A 155 52.89 -33.62 -26.63
CA LEU A 155 52.10 -32.41 -26.33
C LEU A 155 52.09 -31.43 -27.50
N TRP A 156 53.10 -31.50 -28.37
CA TRP A 156 53.10 -30.76 -29.65
C TRP A 156 52.00 -31.24 -30.60
N ALA A 157 51.87 -32.57 -30.72
CA ALA A 157 50.90 -33.19 -31.63
C ALA A 157 49.44 -32.81 -31.35
N VAL A 158 49.10 -32.61 -30.07
CA VAL A 158 47.76 -32.19 -29.67
C VAL A 158 47.53 -30.70 -30.01
N GLN A 159 48.56 -29.88 -29.82
CA GLN A 159 48.50 -28.45 -30.18
C GLN A 159 48.33 -28.20 -31.69
N VAL A 160 48.91 -29.09 -32.51
CA VAL A 160 48.76 -29.03 -33.98
C VAL A 160 47.33 -29.41 -34.42
N SER A 161 46.77 -30.45 -33.81
CA SER A 161 45.41 -30.90 -34.11
C SER A 161 44.34 -29.87 -33.74
N ILE A 162 44.55 -29.17 -32.62
CA ILE A 162 43.69 -28.07 -32.19
C ILE A 162 43.84 -26.87 -33.15
N ALA A 163 45.06 -26.62 -33.61
CA ALA A 163 45.34 -25.56 -34.59
C ALA A 163 44.69 -25.82 -35.95
N LEU A 164 44.70 -27.07 -36.40
CA LEU A 164 44.05 -27.45 -37.67
C LEU A 164 42.53 -27.34 -37.63
N ILE A 165 41.93 -27.63 -36.47
CA ILE A 165 40.48 -27.48 -36.27
C ILE A 165 40.09 -26.00 -36.25
N SER A 166 40.82 -25.20 -35.49
CA SER A 166 40.56 -23.75 -35.40
C SER A 166 40.91 -22.98 -36.69
N PHE A 167 41.87 -23.48 -37.47
CA PHE A 167 42.18 -22.94 -38.80
C PHE A 167 41.05 -23.23 -39.80
N LEU A 168 40.45 -24.41 -39.68
CA LEU A 168 39.28 -24.78 -40.49
C LEU A 168 37.98 -24.08 -40.02
N GLU A 169 37.87 -23.79 -38.72
CA GLU A 169 36.74 -23.01 -38.18
C GLU A 169 36.70 -21.57 -38.72
N THR A 170 37.89 -20.97 -38.90
CA THR A 170 38.00 -19.65 -39.55
C THR A 170 37.75 -19.72 -41.05
N MET A 171 38.15 -20.82 -41.69
CA MET A 171 37.87 -21.06 -43.12
C MET A 171 36.37 -21.22 -43.41
N LEU A 172 35.65 -21.92 -42.54
CA LEU A 172 34.19 -22.12 -42.69
C LEU A 172 33.40 -20.81 -42.51
N LEU A 173 33.76 -20.02 -41.51
CA LEU A 173 33.09 -18.74 -41.22
C LEU A 173 33.28 -17.65 -42.29
N ILE A 174 34.33 -17.78 -43.13
CA ILE A 174 34.53 -16.89 -44.28
C ILE A 174 33.46 -17.12 -45.36
N TYR A 175 33.19 -18.39 -45.69
CA TYR A 175 32.22 -18.74 -46.75
C TYR A 175 30.74 -18.47 -46.40
N LEU A 176 30.44 -18.28 -45.11
CA LEU A 176 29.08 -17.92 -44.67
C LEU A 176 28.82 -16.43 -44.88
N SER A 177 29.74 -15.59 -44.40
CA SER A 177 29.62 -14.13 -44.50
C SER A 177 30.62 -13.55 -45.51
N TYR A 178 30.63 -14.10 -46.72
CA TYR A 178 31.53 -13.67 -47.80
C TYR A 178 30.87 -12.52 -48.58
N LYS A 179 30.69 -11.39 -47.89
CA LYS A 179 29.87 -10.29 -48.38
C LYS A 179 30.70 -9.31 -49.21
N GLY A 180 31.14 -9.77 -50.38
CA GLY A 180 31.99 -8.97 -51.27
C GLY A 180 33.40 -8.81 -50.74
N ASN A 181 33.55 -7.97 -49.72
CA ASN A 181 34.86 -7.70 -49.11
C ASN A 181 35.41 -8.91 -48.34
N ILE A 182 36.63 -9.32 -48.71
CA ILE A 182 37.38 -10.33 -47.95
C ILE A 182 38.18 -9.64 -46.84
N TRP A 183 38.61 -8.40 -47.06
CA TRP A 183 39.31 -7.60 -46.02
C TRP A 183 38.44 -7.15 -44.83
N GLU A 184 37.13 -7.35 -44.92
CA GLU A 184 36.24 -7.27 -43.76
C GLU A 184 36.48 -8.44 -42.77
N GLN A 185 36.98 -9.56 -43.29
CA GLN A 185 37.18 -10.80 -42.52
C GLN A 185 38.65 -11.03 -42.11
N ILE A 186 39.59 -10.91 -43.05
CA ILE A 186 40.99 -11.29 -42.83
C ILE A 186 41.71 -10.40 -41.79
N PHE A 187 41.78 -9.10 -42.05
CA PHE A 187 42.50 -8.17 -41.15
C PHE A 187 41.54 -7.62 -40.09
N ARG A 188 41.28 -8.46 -39.08
CA ARG A 188 40.42 -8.13 -37.93
C ARG A 188 41.05 -8.60 -36.61
N ILE A 189 40.37 -8.32 -35.49
CA ILE A 189 40.86 -8.68 -34.15
C ILE A 189 40.82 -10.19 -33.92
N SER A 190 39.67 -10.80 -34.21
CA SER A 190 39.46 -12.23 -34.01
C SER A 190 40.27 -13.10 -34.97
N PHE A 191 40.49 -12.63 -36.20
CA PHE A 191 41.09 -13.43 -37.27
C PHE A 191 42.62 -13.41 -37.25
N ILE A 192 43.23 -12.21 -37.12
CA ILE A 192 44.70 -12.07 -37.12
C ILE A 192 45.35 -12.85 -35.98
N LEU A 193 44.77 -12.75 -34.79
CA LEU A 193 45.21 -13.53 -33.62
C LEU A 193 45.25 -15.05 -33.89
N GLU A 194 44.26 -15.54 -34.63
CA GLU A 194 44.21 -16.96 -35.02
C GLU A 194 45.31 -17.31 -36.05
N MET A 195 45.50 -16.43 -37.03
CA MET A 195 46.52 -16.64 -38.07
C MET A 195 47.96 -16.52 -37.54
N ILE A 196 48.17 -15.76 -36.47
CA ILE A 196 49.46 -15.71 -35.78
C ILE A 196 49.78 -17.06 -35.11
N ASN A 197 48.75 -17.74 -34.62
CA ASN A 197 48.92 -19.01 -33.90
C ASN A 197 48.89 -20.23 -34.82
N THR A 198 47.82 -20.36 -35.61
CA THR A 198 47.54 -21.59 -36.37
C THR A 198 48.42 -21.81 -37.62
N VAL A 199 48.92 -20.73 -38.22
CA VAL A 199 49.74 -20.83 -39.44
C VAL A 199 51.12 -21.47 -39.16
N PRO A 200 51.80 -21.08 -38.05
CA PRO A 200 52.98 -21.83 -37.61
C PRO A 200 52.78 -23.33 -37.38
N PHE A 201 51.65 -23.72 -36.78
CA PHE A 201 51.34 -25.14 -36.53
C PHE A 201 51.20 -25.98 -37.81
N ILE A 202 50.74 -25.36 -38.89
CA ILE A 202 50.67 -26.02 -40.20
C ILE A 202 52.07 -26.09 -40.84
N ILE A 203 52.91 -25.09 -40.59
CA ILE A 203 54.32 -25.10 -41.03
C ILE A 203 55.14 -26.18 -40.28
N THR A 204 54.80 -26.45 -39.02
CA THR A 204 55.48 -27.51 -38.24
C THR A 204 55.20 -28.93 -38.77
N ILE A 205 54.09 -29.11 -39.51
CA ILE A 205 53.76 -30.40 -40.12
C ILE A 205 54.64 -30.67 -41.35
N PHE A 206 54.76 -29.67 -42.23
CA PHE A 206 55.51 -29.82 -43.49
C PHE A 206 57.04 -29.80 -43.28
N TRP A 207 57.54 -28.84 -42.50
CA TRP A 207 58.97 -28.77 -42.16
C TRP A 207 59.29 -29.70 -40.97
N PRO A 208 60.20 -30.69 -41.16
CA PRO A 208 60.57 -31.56 -40.02
C PRO A 208 61.42 -30.97 -38.87
N PRO A 209 62.28 -29.95 -39.14
CA PRO A 209 63.07 -29.41 -38.01
C PRO A 209 62.41 -28.30 -37.17
N LEU A 210 61.18 -27.88 -37.50
CA LEU A 210 60.52 -26.75 -36.84
C LEU A 210 59.49 -27.14 -35.76
N ARG A 211 59.62 -28.34 -35.19
CA ARG A 211 58.82 -28.73 -34.02
C ARG A 211 59.33 -28.03 -32.76
N ASN A 212 60.65 -27.91 -32.64
CA ASN A 212 61.30 -27.24 -31.51
C ASN A 212 61.25 -25.70 -31.55
N LEU A 213 60.78 -25.11 -32.65
CA LEU A 213 60.68 -23.65 -32.77
C LEU A 213 59.54 -23.12 -31.89
N PHE A 214 59.76 -21.94 -31.30
CA PHE A 214 58.78 -21.31 -30.39
C PHE A 214 57.59 -20.75 -31.17
N ILE A 215 56.39 -21.17 -30.77
CA ILE A 215 55.13 -20.70 -31.35
C ILE A 215 54.31 -20.06 -30.23
N PRO A 216 53.88 -18.79 -30.40
CA PRO A 216 53.13 -18.11 -29.35
C PRO A 216 51.66 -18.57 -29.30
N VAL A 217 51.43 -19.77 -28.76
CA VAL A 217 50.08 -20.32 -28.58
C VAL A 217 49.45 -19.88 -27.26
N PHE A 218 50.25 -19.24 -26.39
CA PHE A 218 49.73 -18.52 -25.21
C PHE A 218 48.75 -17.38 -25.56
N LEU A 219 48.90 -16.82 -26.77
CA LEU A 219 47.96 -15.81 -27.31
C LEU A 219 46.53 -16.32 -27.55
N ASN A 220 46.33 -17.64 -27.53
CA ASN A 220 44.99 -18.24 -27.57
C ASN A 220 44.07 -17.79 -26.43
N CYS A 221 44.64 -17.28 -25.33
CA CYS A 221 43.89 -16.61 -24.27
C CYS A 221 43.03 -15.45 -24.80
N TRP A 222 43.65 -14.58 -25.61
CA TRP A 222 42.93 -13.45 -26.22
C TRP A 222 41.89 -13.88 -27.26
N LEU A 223 42.07 -15.05 -27.87
CA LEU A 223 41.06 -15.68 -28.74
C LEU A 223 39.92 -16.32 -27.95
N ALA A 224 40.25 -17.02 -26.86
CA ALA A 224 39.26 -17.60 -25.96
C ALA A 224 38.43 -16.50 -25.28
N LYS A 225 39.11 -15.39 -24.93
CA LYS A 225 38.46 -14.16 -24.46
C LYS A 225 37.40 -13.66 -25.44
N TYR A 226 37.76 -13.60 -26.73
CA TYR A 226 36.85 -13.14 -27.78
C TYR A 226 35.77 -14.20 -28.12
N ALA A 227 36.12 -15.48 -27.96
CA ALA A 227 35.16 -16.58 -28.12
C ALA A 227 34.05 -16.55 -27.05
N LEU A 228 34.41 -16.13 -25.84
CA LEU A 228 33.43 -15.96 -24.74
C LEU A 228 32.41 -14.85 -25.00
N GLU A 229 32.90 -13.71 -25.50
CA GLU A 229 32.04 -12.52 -25.73
C GLU A 229 30.87 -12.79 -26.70
N ASN A 230 31.14 -13.52 -27.78
CA ASN A 230 30.11 -13.90 -28.75
C ASN A 230 29.18 -14.99 -28.20
N MET A 231 29.73 -15.90 -27.41
CA MET A 231 28.97 -17.00 -26.79
C MET A 231 28.02 -16.50 -25.70
N ILE A 232 28.56 -15.71 -24.77
CA ILE A 232 27.84 -15.26 -23.58
C ILE A 232 26.62 -14.38 -23.91
N ASN A 233 26.77 -13.49 -24.91
CA ASN A 233 25.68 -12.60 -25.32
C ASN A 233 24.71 -13.21 -26.35
N ASP A 234 24.68 -14.54 -26.47
CA ASP A 234 23.69 -15.25 -27.27
C ASP A 234 22.28 -15.11 -26.67
N LEU A 235 22.19 -15.29 -25.34
CA LEU A 235 20.92 -15.15 -24.62
C LEU A 235 20.57 -13.67 -24.45
N GLN A 243 19.86 -9.49 -14.48
CA GLN A 243 20.07 -8.65 -15.66
C GLN A 243 20.55 -9.47 -16.86
N SER A 244 20.59 -8.83 -18.02
CA SER A 244 20.98 -9.48 -19.28
C SER A 244 22.51 -9.59 -19.42
N ALA A 245 23.22 -8.49 -19.14
CA ALA A 245 24.69 -8.45 -19.24
C ALA A 245 25.30 -7.53 -18.17
N MET A 246 24.96 -7.78 -16.91
CA MET A 246 25.54 -7.08 -15.76
C MET A 246 26.56 -8.00 -15.09
N PHE A 247 26.10 -9.16 -14.62
CA PHE A 247 26.98 -10.17 -14.01
C PHE A 247 27.79 -10.91 -15.08
N ASN A 248 27.14 -11.22 -16.20
CA ASN A 248 27.78 -11.92 -17.32
C ASN A 248 28.87 -11.09 -18.02
N GLN A 249 28.69 -9.77 -18.09
CA GLN A 249 29.70 -8.88 -18.65
C GLN A 249 30.92 -8.75 -17.72
N VAL A 250 30.65 -8.57 -16.42
CA VAL A 250 31.72 -8.45 -15.41
C VAL A 250 32.58 -9.71 -15.31
N LEU A 251 31.99 -10.88 -15.54
CA LEU A 251 32.74 -12.15 -15.56
C LEU A 251 33.72 -12.20 -16.75
N ILE A 252 33.35 -11.58 -17.88
CA ILE A 252 34.25 -11.44 -19.03
C ILE A 252 35.37 -10.44 -18.72
N LEU A 253 35.02 -9.34 -18.03
CA LEU A 253 36.02 -8.33 -17.63
C LEU A 253 37.09 -8.87 -16.67
N ILE A 254 36.74 -9.89 -15.89
CA ILE A 254 37.71 -10.63 -15.07
C ILE A 254 38.57 -11.53 -15.98
N CYS A 255 37.93 -12.22 -16.92
CA CYS A 255 38.64 -13.07 -17.89
C CYS A 255 39.62 -12.28 -18.76
N THR A 256 39.22 -11.08 -19.18
CA THR A 256 40.08 -10.20 -19.98
C THR A 256 41.39 -9.87 -19.26
N LEU A 257 41.29 -9.58 -17.95
CA LEU A 257 42.46 -9.27 -17.12
C LEU A 257 43.31 -10.50 -16.85
N LEU A 258 42.68 -11.61 -16.45
CA LEU A 258 43.39 -12.86 -16.16
C LEU A 258 43.94 -13.56 -17.40
N CYS A 259 43.40 -13.25 -18.58
CA CYS A 259 44.03 -13.64 -19.85
C CYS A 259 45.35 -12.91 -20.06
N LEU A 260 45.37 -11.61 -19.73
CA LEU A 260 46.59 -10.80 -19.78
C LEU A 260 47.62 -11.21 -18.73
N VAL A 261 47.16 -11.74 -17.59
CA VAL A 261 48.04 -12.27 -16.54
C VAL A 261 48.84 -13.48 -17.05
N PHE A 262 48.18 -14.38 -17.76
CA PHE A 262 48.83 -15.57 -18.33
C PHE A 262 49.87 -15.22 -19.39
N THR A 263 49.58 -14.22 -20.22
CA THR A 263 50.48 -13.80 -21.30
C THR A 263 51.79 -13.20 -20.77
N GLY A 264 51.70 -12.46 -19.67
CA GLY A 264 52.88 -11.90 -19.01
C GLY A 264 53.78 -12.95 -18.39
N THR A 265 53.15 -13.91 -17.68
CA THR A 265 53.88 -15.02 -17.04
C THR A 265 54.58 -15.93 -18.05
N CYS A 266 53.97 -16.10 -19.23
CA CYS A 266 54.58 -16.88 -20.32
C CYS A 266 55.84 -16.20 -20.84
N GLY A 267 55.69 -15.00 -21.39
CA GLY A 267 56.77 -14.29 -22.07
C GLY A 267 57.96 -13.96 -21.20
N ILE A 268 57.71 -13.50 -19.97
CA ILE A 268 58.77 -13.09 -19.05
C ILE A 268 59.59 -14.30 -18.61
N GLN A 269 58.90 -15.34 -18.15
CA GLN A 269 59.54 -16.59 -17.72
C GLN A 269 60.30 -17.28 -18.85
N HIS A 270 59.73 -17.23 -20.06
CA HIS A 270 60.37 -17.80 -21.26
C HIS A 270 61.64 -17.04 -21.63
N LEU A 271 61.58 -15.72 -21.55
CA LEU A 271 62.76 -14.85 -21.73
C LEU A 271 63.78 -15.00 -20.61
N GLU A 272 63.29 -15.15 -19.37
CA GLU A 272 64.14 -15.28 -18.18
C GLU A 272 65.00 -16.55 -18.12
N ARG A 273 64.76 -17.52 -19.01
CA ARG A 273 65.66 -18.67 -19.19
C ARG A 273 67.08 -18.28 -19.62
N ALA A 274 67.21 -17.15 -20.31
CA ALA A 274 68.53 -16.61 -20.68
C ALA A 274 69.31 -16.05 -19.48
N GLY A 275 68.62 -15.39 -18.56
CA GLY A 275 69.25 -14.79 -17.37
C GLY A 275 68.37 -14.89 -16.13
N GLU A 276 68.84 -15.64 -15.12
CA GLU A 276 68.11 -15.91 -13.87
C GLU A 276 66.79 -16.67 -14.12
N LYS A 277 66.87 -18.01 -14.06
CA LYS A 277 65.72 -18.88 -14.35
C LYS A 277 64.63 -18.78 -13.29
N LEU A 278 63.59 -17.99 -13.59
CA LEU A 278 62.40 -17.89 -12.73
C LEU A 278 61.45 -19.04 -13.02
N SER A 279 60.68 -19.43 -12.01
CA SER A 279 59.62 -20.44 -12.16
C SER A 279 58.28 -19.77 -12.48
N LEU A 280 57.26 -20.58 -12.75
CA LEU A 280 55.90 -20.09 -12.98
C LEU A 280 55.31 -19.45 -11.71
N PHE A 281 55.64 -20.04 -10.56
CA PHE A 281 55.23 -19.51 -9.25
C PHE A 281 55.83 -18.13 -8.98
N LYS A 282 57.12 -17.98 -9.28
CA LYS A 282 57.83 -16.71 -9.08
C LYS A 282 57.43 -15.64 -10.11
N SER A 283 57.13 -16.07 -11.33
CA SER A 283 56.68 -15.15 -12.40
C SER A 283 55.25 -14.66 -12.19
N PHE A 284 54.36 -15.55 -11.76
CA PHE A 284 52.96 -15.19 -11.45
C PHE A 284 52.86 -14.18 -10.31
N TYR A 285 53.77 -14.31 -9.34
CA TYR A 285 53.94 -13.29 -8.29
C TYR A 285 54.31 -11.93 -8.87
N PHE A 286 55.30 -11.91 -9.76
CA PHE A 286 55.78 -10.68 -10.39
C PHE A 286 54.74 -10.01 -11.29
N CYS A 287 54.02 -10.80 -12.07
CA CYS A 287 53.04 -10.28 -13.03
C CYS A 287 51.84 -9.62 -12.36
N ILE A 288 51.22 -10.34 -11.41
CA ILE A 288 50.06 -9.82 -10.68
C ILE A 288 50.40 -8.62 -9.78
N VAL A 289 51.66 -8.53 -9.35
CA VAL A 289 52.17 -7.35 -8.64
C VAL A 289 52.23 -6.11 -9.55
N THR A 290 52.68 -6.29 -10.80
CA THR A 290 52.84 -5.17 -11.74
C THR A 290 51.53 -4.53 -12.19
N PHE A 291 50.47 -5.33 -12.31
CA PHE A 291 49.14 -4.85 -12.73
C PHE A 291 48.34 -4.27 -11.57
N SER A 292 48.58 -4.79 -10.36
CA SER A 292 48.02 -4.19 -9.14
C SER A 292 48.71 -2.88 -8.74
N THR A 293 49.91 -2.63 -9.26
CA THR A 293 50.67 -1.38 -9.09
C THR A 293 51.26 -1.20 -7.69
N VAL A 294 51.78 -2.29 -7.11
CA VAL A 294 52.46 -2.24 -5.82
C VAL A 294 53.91 -1.82 -6.08
N GLY A 295 54.59 -2.58 -6.93
CA GLY A 295 55.98 -2.32 -7.29
C GLY A 295 56.95 -2.81 -6.22
N TYR A 296 57.06 -4.13 -6.10
CA TYR A 296 58.02 -4.75 -5.19
C TYR A 296 59.42 -4.66 -5.77
N GLY A 297 59.59 -5.22 -6.97
CA GLY A 297 60.88 -5.24 -7.65
C GLY A 297 61.93 -6.09 -6.97
N ASP A 298 61.50 -7.13 -6.27
CA ASP A 298 62.41 -8.10 -5.66
C ASP A 298 62.81 -9.11 -6.73
N VAL A 299 61.80 -9.61 -7.45
CA VAL A 299 62.00 -10.34 -8.71
C VAL A 299 61.97 -9.30 -9.83
N THR A 300 62.95 -9.35 -10.73
CA THR A 300 63.09 -8.34 -11.80
C THR A 300 63.57 -8.94 -13.13
N PRO A 301 63.25 -8.25 -14.25
CA PRO A 301 63.80 -8.62 -15.57
C PRO A 301 65.20 -8.04 -15.78
N LYS A 302 66.19 -8.91 -16.04
CA LYS A 302 67.60 -8.50 -16.15
C LYS A 302 68.16 -8.79 -17.55
N ILE A 303 67.34 -8.53 -18.58
CA ILE A 303 67.69 -8.86 -19.98
C ILE A 303 67.11 -7.79 -20.92
N TRP A 304 67.75 -7.60 -22.07
CA TRP A 304 67.35 -6.59 -23.07
C TRP A 304 65.91 -6.74 -23.60
N PRO A 305 65.49 -7.97 -24.00
CA PRO A 305 64.08 -8.17 -24.38
C PRO A 305 63.11 -8.35 -23.20
N SER A 306 63.59 -8.79 -22.04
CA SER A 306 62.73 -9.00 -20.86
C SER A 306 62.18 -7.68 -20.31
N GLN A 307 63.03 -6.66 -20.26
CA GLN A 307 62.60 -5.29 -19.95
C GLN A 307 61.63 -4.77 -21.00
N LEU A 308 61.96 -5.00 -22.27
CA LEU A 308 61.14 -4.56 -23.40
C LEU A 308 59.71 -5.11 -23.36
N LEU A 309 59.56 -6.36 -22.92
CA LEU A 309 58.24 -6.97 -22.74
C LEU A 309 57.52 -6.36 -21.53
N VAL A 310 58.19 -6.38 -20.38
CA VAL A 310 57.60 -5.91 -19.10
C VAL A 310 57.09 -4.47 -19.18
N VAL A 311 57.78 -3.63 -19.96
CA VAL A 311 57.30 -2.28 -20.27
C VAL A 311 55.98 -2.35 -21.07
N ILE A 312 55.95 -3.20 -22.10
CA ILE A 312 54.75 -3.39 -22.92
C ILE A 312 53.60 -4.02 -22.11
N MET A 313 53.93 -4.90 -21.16
CA MET A 313 52.91 -5.45 -20.23
C MET A 313 52.24 -4.35 -19.42
N ILE A 314 53.05 -3.40 -18.92
CA ILE A 314 52.55 -2.26 -18.15
C ILE A 314 51.81 -1.26 -19.06
N CYS A 315 52.29 -1.07 -20.29
CA CYS A 315 51.62 -0.20 -21.27
C CYS A 315 50.26 -0.76 -21.71
N VAL A 316 50.23 -2.06 -22.00
CA VAL A 316 48.97 -2.76 -22.33
C VAL A 316 48.03 -2.79 -21.12
N ALA A 317 48.59 -2.88 -19.91
CA ALA A 317 47.79 -2.79 -18.67
C ALA A 317 47.17 -1.40 -18.48
N LEU A 318 47.94 -0.34 -18.78
CA LEU A 318 47.42 1.04 -18.75
C LEU A 318 46.29 1.29 -19.74
N VAL A 319 46.29 0.56 -20.86
CA VAL A 319 45.19 0.62 -21.84
C VAL A 319 43.95 -0.09 -21.31
N VAL A 320 44.12 -1.31 -20.81
CA VAL A 320 43.00 -2.17 -20.42
C VAL A 320 42.35 -1.72 -19.11
N LEU A 321 43.08 -1.87 -18.00
CA LEU A 321 42.54 -1.69 -16.63
C LEU A 321 41.56 -0.52 -16.42
N PRO A 322 41.94 0.72 -16.81
CA PRO A 322 41.00 1.85 -16.62
C PRO A 322 39.72 1.79 -17.45
N LEU A 323 39.80 1.21 -18.65
CA LEU A 323 38.62 1.04 -19.51
C LEU A 323 37.65 -0.02 -18.97
N GLN A 324 38.16 -1.04 -18.30
CA GLN A 324 37.32 -2.11 -17.72
C GLN A 324 36.63 -1.65 -16.44
N PHE A 325 37.35 -0.93 -15.59
CA PHE A 325 36.76 -0.34 -14.37
C PHE A 325 35.68 0.70 -14.68
N GLU A 326 35.88 1.50 -15.73
CA GLU A 326 34.88 2.50 -16.16
C GLU A 326 33.63 1.86 -16.76
N GLU A 327 33.81 0.77 -17.52
CA GLU A 327 32.69 0.03 -18.11
C GLU A 327 31.89 -0.74 -17.06
N LEU A 328 32.54 -1.17 -15.98
CA LEU A 328 31.87 -1.82 -14.84
C LEU A 328 30.99 -0.85 -14.05
N VAL A 329 31.53 0.33 -13.74
CA VAL A 329 30.81 1.37 -12.99
C VAL A 329 29.67 1.99 -13.84
N TYR A 330 29.81 1.95 -15.16
CA TYR A 330 28.74 2.37 -16.09
C TYR A 330 27.46 1.53 -15.93
N LEU A 331 27.63 0.21 -15.78
CA LEU A 331 26.51 -0.71 -15.53
C LEU A 331 26.05 -0.67 -14.08
N TRP A 332 27.00 -0.56 -13.14
CA TRP A 332 26.73 -0.51 -11.70
C TRP A 332 25.82 0.65 -11.27
N MET A 333 25.91 1.77 -11.99
CA MET A 333 25.08 2.95 -11.73
C MET A 333 23.60 2.66 -12.02
N GLU A 334 23.33 2.13 -13.21
CA GLU A 334 21.97 1.77 -13.62
C GLU A 334 21.60 0.39 -13.08
N ASN A 341 15.20 -7.45 -8.06
CA ASN A 341 14.06 -8.27 -8.48
C ASN A 341 14.01 -9.60 -7.74
N TYR A 342 12.87 -10.27 -7.84
CA TYR A 342 12.63 -11.52 -7.11
C TYR A 342 13.20 -12.71 -7.88
N SER A 343 13.93 -13.58 -7.18
CA SER A 343 14.55 -14.76 -7.79
C SER A 343 13.63 -15.97 -7.77
N ARG A 344 13.97 -16.98 -8.58
CA ARG A 344 13.15 -18.19 -8.74
C ARG A 344 13.19 -19.10 -7.50
N HIS A 345 14.39 -19.36 -6.99
CA HIS A 345 14.58 -20.20 -5.79
C HIS A 345 13.88 -19.62 -4.55
N ARG A 346 13.81 -18.30 -4.49
CA ARG A 346 13.06 -17.59 -3.43
C ARG A 346 11.54 -17.77 -3.63
N ALA A 347 11.08 -17.63 -4.87
CA ALA A 347 9.65 -17.74 -5.20
C ALA A 347 9.07 -19.14 -5.01
N GLN A 348 9.88 -20.18 -5.23
CA GLN A 348 9.45 -21.57 -5.00
C GLN A 348 9.20 -21.86 -3.52
N THR A 349 10.21 -21.61 -2.71
CA THR A 349 10.19 -21.92 -1.28
C THR A 349 9.55 -20.81 -0.45
N GLU A 350 10.17 -19.62 -0.46
CA GLU A 350 9.73 -18.51 0.39
C GLU A 350 8.43 -17.86 -0.11
N LYS A 351 7.78 -17.12 0.79
CA LYS A 351 6.47 -16.52 0.51
C LYS A 351 6.59 -15.28 -0.37
N HIS A 352 5.44 -14.83 -0.89
CA HIS A 352 5.39 -13.79 -1.92
C HIS A 352 4.07 -13.01 -1.85
N VAL A 353 4.17 -11.69 -1.63
CA VAL A 353 3.00 -10.80 -1.61
C VAL A 353 3.28 -9.58 -2.52
N VAL A 354 2.23 -9.10 -3.18
CA VAL A 354 2.34 -8.07 -4.22
C VAL A 354 1.50 -6.84 -3.87
N LEU A 355 1.92 -5.67 -4.37
CA LEU A 355 1.18 -4.43 -4.21
C LEU A 355 1.29 -3.55 -5.47
N CYS A 356 0.19 -3.44 -6.21
CA CYS A 356 0.10 -2.56 -7.38
C CYS A 356 -0.46 -1.20 -6.96
N VAL A 357 -0.07 -0.15 -7.66
CA VAL A 357 -0.42 1.23 -7.28
C VAL A 357 -0.23 2.22 -8.43
N SER A 358 -0.99 3.31 -8.42
CA SER A 358 -0.87 4.38 -9.44
C SER A 358 0.41 5.18 -9.23
N SER A 359 0.58 5.71 -8.02
CA SER A 359 1.78 6.44 -7.62
C SER A 359 1.98 6.30 -6.10
N LEU A 360 3.00 5.56 -5.70
CA LEU A 360 3.20 5.21 -4.30
C LEU A 360 3.72 6.40 -3.49
N LYS A 361 3.03 6.69 -2.39
CA LYS A 361 3.38 7.76 -1.46
C LYS A 361 3.77 7.15 -0.11
N ILE A 362 4.08 8.01 0.87
CA ILE A 362 4.50 7.56 2.19
C ILE A 362 3.31 7.09 3.03
N ASP A 363 2.17 7.76 2.91
CA ASP A 363 0.97 7.41 3.69
C ASP A 363 0.36 6.06 3.31
N LEU A 364 0.34 5.75 2.02
CA LEU A 364 -0.08 4.43 1.53
C LEU A 364 0.89 3.33 1.97
N LEU A 365 2.18 3.64 1.91
CA LEU A 365 3.24 2.69 2.21
C LEU A 365 3.38 2.40 3.71
N MET A 366 3.63 3.46 4.49
CA MET A 366 3.89 3.35 5.93
C MET A 366 2.76 2.66 6.70
N ASP A 367 1.53 3.03 6.38
CA ASP A 367 0.35 2.43 7.01
C ASP A 367 0.20 0.95 6.65
N PHE A 368 0.54 0.61 5.40
CA PHE A 368 0.57 -0.78 4.96
C PHE A 368 1.70 -1.57 5.63
N LEU A 369 2.90 -0.97 5.70
CA LEU A 369 4.05 -1.60 6.36
C LEU A 369 3.80 -1.90 7.83
N ASN A 370 3.22 -0.94 8.55
CA ASN A 370 2.92 -1.12 9.97
C ASN A 370 1.82 -2.16 10.21
N GLU A 371 0.72 -2.05 9.47
CA GLU A 371 -0.45 -2.92 9.67
C GLU A 371 -0.27 -4.36 9.19
N PHE A 372 0.50 -4.57 8.12
CA PHE A 372 0.72 -5.91 7.59
C PHE A 372 1.66 -6.73 8.49
N TYR A 373 2.79 -6.14 8.85
CA TYR A 373 3.76 -6.79 9.75
C TYR A 373 3.30 -6.88 11.21
N ALA A 374 2.28 -6.09 11.58
CA ALA A 374 1.67 -6.19 12.92
C ALA A 374 1.02 -7.56 13.20
N HIS A 375 0.60 -8.26 12.13
CA HIS A 375 0.09 -9.63 12.26
C HIS A 375 1.22 -10.58 12.67
N PRO A 376 1.09 -11.26 13.84
CA PRO A 376 2.18 -12.09 14.35
C PRO A 376 2.44 -13.36 13.53
N ARG A 377 1.36 -13.98 13.06
CA ARG A 377 1.41 -15.16 12.21
C ARG A 377 2.01 -14.86 10.83
N LEU A 378 1.80 -13.63 10.34
CA LEU A 378 2.20 -13.22 9.00
C LEU A 378 3.33 -12.17 9.06
N GLN A 379 4.45 -12.56 9.67
CA GLN A 379 5.61 -11.67 9.83
C GLN A 379 6.69 -11.87 8.77
N ASP A 380 6.98 -13.13 8.44
CA ASP A 380 8.09 -13.47 7.52
C ASP A 380 7.79 -13.35 6.01
N TYR A 381 6.60 -12.87 5.64
CA TYR A 381 6.18 -12.81 4.23
C TYR A 381 6.87 -11.63 3.52
N TYR A 382 7.31 -11.87 2.29
CA TYR A 382 7.99 -10.85 1.48
C TYR A 382 6.99 -9.98 0.73
N VAL A 383 7.33 -8.70 0.59
CA VAL A 383 6.48 -7.69 -0.03
C VAL A 383 7.15 -7.15 -1.29
N VAL A 384 6.35 -6.89 -2.33
CA VAL A 384 6.85 -6.37 -3.60
C VAL A 384 5.91 -5.28 -4.14
N ILE A 385 6.50 -4.14 -4.53
CA ILE A 385 5.77 -3.02 -5.13
C ILE A 385 5.80 -3.15 -6.64
N LEU A 386 4.76 -2.65 -7.31
CA LEU A 386 4.66 -2.64 -8.76
C LEU A 386 4.17 -1.26 -9.22
N CYS A 387 5.04 -0.26 -9.01
CA CYS A 387 4.72 1.15 -9.27
C CYS A 387 5.21 1.56 -10.68
N PRO A 388 4.33 2.13 -11.53
CA PRO A 388 4.78 2.60 -12.84
C PRO A 388 5.75 3.79 -12.81
N THR A 389 5.37 4.86 -12.11
CA THR A 389 6.16 6.10 -12.09
C THR A 389 7.44 5.98 -11.23
N GLU A 390 8.29 7.00 -11.32
CA GLU A 390 9.59 7.00 -10.63
C GLU A 390 9.47 7.16 -9.12
N MET A 391 10.58 6.90 -8.44
CA MET A 391 10.65 6.96 -6.97
C MET A 391 10.72 8.39 -6.44
N ASP A 392 10.09 8.61 -5.28
CA ASP A 392 10.30 9.81 -4.50
C ASP A 392 11.58 9.66 -3.67
N ILE A 393 12.00 10.75 -3.03
CA ILE A 393 13.17 10.73 -2.14
C ILE A 393 12.76 10.24 -0.74
N GLN A 394 11.53 10.54 -0.32
CA GLN A 394 11.02 10.12 1.00
C GLN A 394 10.80 8.61 1.10
N VAL A 395 10.31 7.99 0.03
CA VAL A 395 10.09 6.53 0.00
C VAL A 395 11.40 5.72 0.09
N ARG A 396 12.50 6.31 -0.39
CA ARG A 396 13.83 5.68 -0.30
C ARG A 396 14.35 5.65 1.14
N ARG A 397 13.95 6.61 1.97
CA ARG A 397 14.31 6.65 3.39
C ARG A 397 13.65 5.54 4.19
N VAL A 398 12.50 5.06 3.72
CA VAL A 398 11.76 3.97 4.38
C VAL A 398 12.32 2.61 3.97
N LEU A 399 12.58 2.42 2.67
CA LEU A 399 13.16 1.17 2.15
C LEU A 399 14.56 0.88 2.71
N GLN A 400 15.37 1.93 2.85
CA GLN A 400 16.77 1.79 3.29
C GLN A 400 16.96 1.56 4.80
N ILE A 401 15.88 1.58 5.59
CA ILE A 401 15.92 1.17 7.00
C ILE A 401 16.22 -0.35 7.05
N PRO A 402 17.25 -0.76 7.83
CA PRO A 402 17.82 -2.13 7.84
C PRO A 402 16.88 -3.30 7.57
N LEU A 403 15.79 -3.39 8.33
CA LEU A 403 14.87 -4.54 8.26
C LEU A 403 13.99 -4.51 7.01
N TRP A 404 13.54 -3.32 6.61
CA TRP A 404 12.70 -3.17 5.41
C TRP A 404 13.50 -3.28 4.10
N SER A 405 14.82 -3.06 4.17
CA SER A 405 15.71 -3.31 3.03
C SER A 405 15.75 -4.80 2.62
N GLN A 406 15.57 -5.68 3.60
CA GLN A 406 15.58 -7.13 3.38
C GLN A 406 14.33 -7.60 2.62
N ARG A 407 13.15 -7.29 3.18
CA ARG A 407 11.88 -7.89 2.73
C ARG A 407 11.16 -7.07 1.66
N VAL A 408 11.13 -5.74 1.83
CA VAL A 408 10.36 -4.86 0.93
C VAL A 408 11.17 -4.58 -0.33
N ILE A 409 10.56 -4.86 -1.49
CA ILE A 409 11.22 -4.78 -2.79
C ILE A 409 10.42 -3.83 -3.69
N TYR A 410 11.13 -3.06 -4.52
CA TYR A 410 10.51 -2.09 -5.45
C TYR A 410 10.80 -2.44 -6.91
N LEU A 411 9.77 -2.89 -7.63
CA LEU A 411 9.82 -3.09 -9.08
C LEU A 411 9.15 -1.89 -9.75
N GLN A 412 9.90 -1.17 -10.58
CA GLN A 412 9.39 0.01 -11.26
C GLN A 412 8.74 -0.37 -12.61
N GLY A 413 7.43 -0.59 -12.59
CA GLY A 413 6.69 -0.94 -13.80
C GLY A 413 5.19 -1.11 -13.61
N SER A 414 4.48 -1.29 -14.74
CA SER A 414 3.02 -1.36 -14.76
C SER A 414 2.49 -2.80 -14.85
N ALA A 415 1.28 -3.00 -14.35
CA ALA A 415 0.63 -4.32 -14.35
C ALA A 415 0.10 -4.76 -15.71
N LEU A 416 -0.03 -3.83 -16.66
CA LEU A 416 -0.59 -4.14 -17.99
C LEU A 416 0.38 -5.00 -18.80
N LYS A 417 1.61 -4.53 -18.96
CA LYS A 417 2.66 -5.29 -19.66
C LYS A 417 3.14 -6.47 -18.81
N ASP A 418 3.52 -7.56 -19.49
CA ASP A 418 3.78 -8.85 -18.83
C ASP A 418 5.19 -9.04 -18.27
N GLN A 419 6.16 -8.22 -18.68
CA GLN A 419 7.53 -8.30 -18.15
C GLN A 419 7.59 -7.99 -16.66
N ASP A 420 6.80 -7.02 -16.22
CA ASP A 420 6.71 -6.64 -14.80
C ASP A 420 6.00 -7.70 -13.97
N LEU A 421 5.09 -8.44 -14.60
CA LEU A 421 4.43 -9.58 -13.97
C LEU A 421 5.35 -10.81 -13.96
N MET A 422 6.13 -10.99 -15.04
CA MET A 422 7.08 -12.11 -15.14
C MET A 422 8.24 -12.03 -14.15
N ARG A 423 8.75 -10.81 -13.89
CA ARG A 423 9.81 -10.62 -12.89
C ARG A 423 9.30 -10.85 -11.46
N ALA A 424 8.07 -10.43 -11.20
CA ALA A 424 7.43 -10.59 -9.88
C ALA A 424 6.96 -12.03 -9.64
N LYS A 425 6.47 -12.69 -10.69
CA LYS A 425 5.90 -14.04 -10.62
C LYS A 425 4.60 -14.05 -9.79
N MET A 426 3.50 -13.73 -10.46
CA MET A 426 2.19 -13.59 -9.82
C MET A 426 1.55 -14.96 -9.59
N ASP A 427 1.70 -15.85 -10.58
CA ASP A 427 1.16 -17.22 -10.56
C ASP A 427 1.36 -17.99 -9.24
N ASN A 428 2.51 -17.79 -8.59
CA ASN A 428 2.78 -18.40 -7.27
C ASN A 428 2.82 -17.35 -6.14
N GLY A 429 1.96 -16.34 -6.24
CA GLY A 429 1.83 -15.30 -5.23
C GLY A 429 0.74 -15.66 -4.23
N GLU A 430 0.98 -15.33 -2.96
CA GLU A 430 0.03 -15.65 -1.88
C GLU A 430 -1.20 -14.74 -1.97
N ALA A 431 -0.96 -13.45 -2.12
CA ALA A 431 -2.03 -12.46 -2.30
C ALA A 431 -1.57 -11.32 -3.20
N CYS A 432 -2.54 -10.55 -3.69
CA CYS A 432 -2.28 -9.37 -4.52
C CYS A 432 -3.23 -8.23 -4.17
N PHE A 433 -2.65 -7.11 -3.74
CA PHE A 433 -3.38 -5.89 -3.41
C PHE A 433 -3.27 -4.89 -4.56
N ILE A 434 -4.34 -4.13 -4.79
CA ILE A 434 -4.37 -3.09 -5.81
C ILE A 434 -5.05 -1.84 -5.21
N LEU A 435 -4.27 -0.81 -4.95
CA LEU A 435 -4.76 0.42 -4.32
C LEU A 435 -5.07 1.49 -5.34
N SER A 436 -6.29 2.04 -5.28
CA SER A 436 -6.63 3.24 -6.03
C SER A 436 -6.09 4.43 -5.25
N SER A 437 -5.06 5.08 -5.80
CA SER A 437 -4.39 6.18 -5.12
C SER A 437 -5.27 7.43 -5.13
N ARG A 438 -5.47 8.02 -3.95
CA ARG A 438 -6.16 9.30 -3.82
C ARG A 438 -5.18 10.38 -4.25
N ASN A 439 -4.99 10.48 -5.57
CA ASN A 439 -3.86 11.17 -6.18
C ASN A 439 -4.27 12.00 -7.39
N GLU A 440 -4.87 11.34 -8.39
CA GLU A 440 -5.33 12.01 -9.60
C GLU A 440 -6.55 12.89 -9.30
N VAL A 441 -6.73 13.93 -10.12
CA VAL A 441 -7.81 14.90 -9.91
C VAL A 441 -9.14 14.28 -10.31
N ASP A 442 -9.20 13.73 -11.52
CA ASP A 442 -10.38 13.00 -12.00
C ASP A 442 -10.44 11.62 -11.33
N ARG A 443 -11.53 11.34 -10.64
CA ARG A 443 -11.68 10.11 -9.85
C ARG A 443 -11.99 8.90 -10.72
N THR A 444 -12.86 9.09 -11.71
CA THR A 444 -13.21 8.03 -12.67
C THR A 444 -12.02 7.58 -13.52
N ALA A 445 -11.12 8.51 -13.86
CA ALA A 445 -9.91 8.19 -14.63
C ALA A 445 -8.93 7.29 -13.87
N ALA A 446 -8.72 7.60 -12.58
CA ALA A 446 -7.90 6.77 -11.70
C ALA A 446 -8.49 5.38 -11.48
N ASP A 447 -9.83 5.31 -11.46
CA ASP A 447 -10.55 4.07 -11.19
C ASP A 447 -10.53 3.11 -12.38
N HIS A 448 -10.77 3.64 -13.58
CA HIS A 448 -10.73 2.85 -14.82
C HIS A 448 -9.39 2.16 -15.04
N GLN A 449 -8.31 2.86 -14.69
CA GLN A 449 -6.95 2.31 -14.73
C GLN A 449 -6.76 1.18 -13.71
N THR A 450 -7.28 1.40 -12.49
CA THR A 450 -7.21 0.40 -11.42
C THR A 450 -7.96 -0.89 -11.77
N ILE A 451 -9.12 -0.75 -12.43
CA ILE A 451 -9.92 -1.90 -12.88
C ILE A 451 -9.20 -2.65 -14.00
N LEU A 452 -8.52 -1.91 -14.87
CA LEU A 452 -7.73 -2.49 -15.97
C LEU A 452 -6.54 -3.31 -15.44
N ARG A 453 -5.94 -2.88 -14.34
CA ARG A 453 -4.88 -3.63 -13.66
C ARG A 453 -5.42 -4.92 -13.02
N ALA A 454 -6.62 -4.84 -12.45
CA ALA A 454 -7.28 -5.99 -11.82
C ALA A 454 -7.50 -7.15 -12.80
N TRP A 455 -7.90 -6.83 -14.03
CA TRP A 455 -8.02 -7.84 -15.09
C TRP A 455 -6.67 -8.44 -15.49
N ALA A 456 -5.63 -7.60 -15.55
CA ALA A 456 -4.27 -8.04 -15.90
C ALA A 456 -3.72 -9.09 -14.94
N VAL A 457 -4.01 -8.94 -13.65
CA VAL A 457 -3.61 -9.91 -12.63
C VAL A 457 -4.48 -11.18 -12.71
N LYS A 458 -5.78 -11.00 -12.94
CA LYS A 458 -6.73 -12.11 -13.09
C LYS A 458 -6.42 -12.99 -14.32
N ASP A 459 -6.08 -12.34 -15.43
CA ASP A 459 -5.76 -13.03 -16.68
C ASP A 459 -4.42 -13.78 -16.61
N PHE A 460 -3.45 -13.21 -15.89
CA PHE A 460 -2.13 -13.82 -15.71
C PHE A 460 -2.21 -15.02 -14.76
N ALA A 461 -2.69 -14.77 -13.54
CA ALA A 461 -2.80 -15.78 -12.49
C ALA A 461 -4.27 -15.98 -12.11
N PRO A 462 -4.84 -17.16 -12.41
CA PRO A 462 -6.27 -17.38 -12.12
C PRO A 462 -6.60 -17.58 -10.64
N ASN A 463 -5.79 -18.38 -9.93
CA ASN A 463 -6.06 -18.74 -8.54
C ASN A 463 -5.59 -17.71 -7.50
N CYS A 464 -4.80 -16.72 -7.92
CA CYS A 464 -4.29 -15.68 -7.01
C CYS A 464 -5.45 -14.78 -6.52
N PRO A 465 -5.68 -14.73 -5.20
CA PRO A 465 -6.83 -13.98 -4.67
C PRO A 465 -6.62 -12.46 -4.74
N LEU A 466 -7.63 -11.75 -5.26
CA LEU A 466 -7.56 -10.30 -5.41
C LEU A 466 -8.12 -9.60 -4.19
N TYR A 467 -7.35 -8.64 -3.69
CA TYR A 467 -7.78 -7.73 -2.63
C TYR A 467 -7.79 -6.33 -3.22
N VAL A 468 -8.73 -6.13 -4.15
CA VAL A 468 -8.83 -4.89 -4.91
C VAL A 468 -9.47 -3.75 -4.08
N GLN A 469 -9.02 -2.53 -4.37
CA GLN A 469 -9.58 -1.31 -3.79
C GLN A 469 -10.12 -0.46 -4.94
N ILE A 470 -11.30 0.12 -4.73
CA ILE A 470 -12.03 0.82 -5.79
C ILE A 470 -12.60 2.13 -5.24
N LEU A 471 -12.64 3.17 -6.08
CA LEU A 471 -13.13 4.50 -5.68
C LEU A 471 -14.64 4.62 -5.92
N LYS A 472 -15.04 4.52 -7.18
CA LYS A 472 -16.42 4.78 -7.58
C LYS A 472 -17.28 3.52 -7.45
N PRO A 473 -18.50 3.64 -6.87
CA PRO A 473 -19.43 2.51 -6.87
C PRO A 473 -20.06 2.22 -8.24
N GLU A 474 -20.04 3.19 -9.16
CA GLU A 474 -20.48 3.01 -10.55
C GLU A 474 -19.74 1.86 -11.22
N ASN A 475 -18.42 1.85 -11.06
CA ASN A 475 -17.55 0.83 -11.65
C ASN A 475 -17.13 -0.24 -10.63
N LYS A 476 -18.02 -0.57 -9.70
CA LYS A 476 -17.78 -1.61 -8.69
C LYS A 476 -18.00 -2.99 -9.30
N PHE A 477 -19.06 -3.15 -10.09
CA PHE A 477 -19.44 -4.45 -10.66
C PHE A 477 -18.43 -5.04 -11.65
N HIS A 478 -17.57 -4.19 -12.23
CA HIS A 478 -16.45 -4.66 -13.06
C HIS A 478 -15.40 -5.46 -12.29
N VAL A 479 -15.38 -5.31 -10.96
CA VAL A 479 -14.50 -6.10 -10.08
C VAL A 479 -15.26 -6.83 -8.97
N LYS A 480 -16.52 -7.23 -9.25
CA LYS A 480 -17.29 -8.08 -8.33
C LYS A 480 -16.87 -9.55 -8.41
N PHE A 481 -16.20 -9.91 -9.51
CA PHE A 481 -15.55 -11.22 -9.63
C PHE A 481 -14.48 -11.46 -8.56
N ALA A 482 -13.80 -10.38 -8.14
CA ALA A 482 -12.78 -10.44 -7.09
C ALA A 482 -13.39 -10.80 -5.73
N ASP A 483 -12.56 -11.35 -4.86
CA ASP A 483 -13.00 -11.87 -3.57
C ASP A 483 -13.37 -10.74 -2.60
N HIS A 484 -12.48 -9.76 -2.49
CA HIS A 484 -12.62 -8.67 -1.51
C HIS A 484 -12.57 -7.30 -2.19
N VAL A 485 -13.70 -6.60 -2.16
CA VAL A 485 -13.83 -5.26 -2.74
C VAL A 485 -13.99 -4.24 -1.62
N VAL A 486 -13.37 -3.07 -1.78
CA VAL A 486 -13.47 -1.98 -0.82
C VAL A 486 -13.78 -0.67 -1.56
N CYS A 487 -15.08 -0.40 -1.73
CA CYS A 487 -15.55 0.86 -2.29
C CYS A 487 -15.39 1.98 -1.26
N GLU A 488 -14.37 2.81 -1.45
CA GLU A 488 -14.00 3.83 -0.48
C GLU A 488 -15.02 4.98 -0.38
N GLU A 489 -15.75 5.23 -1.47
CA GLU A 489 -16.82 6.24 -1.47
C GLU A 489 -18.01 5.76 -0.65
N GLU A 490 -18.50 4.56 -0.95
CA GLU A 490 -19.59 3.92 -0.18
C GLU A 490 -19.31 3.95 1.32
N CYS A 491 -18.15 3.44 1.69
CA CYS A 491 -17.74 3.36 3.10
C CYS A 491 -17.56 4.73 3.75
N LYS A 492 -17.05 5.70 3.00
CA LYS A 492 -16.87 7.07 3.52
C LYS A 492 -18.21 7.72 3.83
N TYR A 493 -19.08 7.81 2.82
CA TYR A 493 -20.38 8.49 2.95
C TYR A 493 -21.35 7.77 3.89
N ALA A 494 -21.28 6.44 3.95
CA ALA A 494 -22.15 5.65 4.84
C ALA A 494 -21.84 5.86 6.33
N MET A 495 -20.56 5.97 6.66
CA MET A 495 -20.13 6.29 8.03
C MET A 495 -20.54 7.70 8.43
N LEU A 496 -20.35 8.65 7.53
CA LEU A 496 -20.75 10.06 7.75
C LEU A 496 -22.25 10.22 8.00
N ALA A 497 -23.06 9.43 7.29
CA ALA A 497 -24.50 9.38 7.51
C ALA A 497 -24.85 8.75 8.85
N LEU A 498 -24.21 7.61 9.13
CA LEU A 498 -24.44 6.87 10.37
C LEU A 498 -23.89 7.61 11.60
N ASN A 499 -22.88 8.46 11.41
CA ASN A 499 -22.40 9.37 12.47
C ASN A 499 -23.49 10.33 12.99
N CYS A 500 -24.42 10.71 12.12
CA CYS A 500 -25.56 11.55 12.50
C CYS A 500 -26.54 10.86 13.44
N VAL A 501 -26.77 9.56 13.22
CA VAL A 501 -27.70 8.78 14.04
C VAL A 501 -27.04 8.45 15.38
N CYS A 502 -25.94 7.69 15.34
CA CYS A 502 -25.13 7.39 16.54
C CYS A 502 -23.79 8.15 16.43
N PRO A 503 -23.45 8.97 17.45
CA PRO A 503 -22.36 9.96 17.41
C PRO A 503 -21.05 9.60 16.67
N ALA A 504 -20.35 8.56 17.14
CA ALA A 504 -18.96 8.31 16.73
C ALA A 504 -18.77 6.88 16.20
N THR A 505 -19.58 6.53 15.20
CA THR A 505 -19.44 5.24 14.51
C THR A 505 -18.15 5.14 13.68
N SER A 506 -17.61 6.29 13.28
CA SER A 506 -16.33 6.35 12.58
C SER A 506 -15.22 5.69 13.39
N THR A 507 -15.00 6.19 14.60
CA THR A 507 -13.97 5.66 15.51
C THR A 507 -14.26 4.24 15.99
N LEU A 508 -15.55 3.94 16.19
CA LEU A 508 -16.01 2.60 16.55
C LEU A 508 -15.49 1.53 15.58
N ILE A 509 -15.58 1.82 14.29
CA ILE A 509 -15.11 0.90 13.25
C ILE A 509 -13.58 0.99 13.09
N THR A 510 -13.01 2.18 13.25
CA THR A 510 -11.55 2.39 13.12
C THR A 510 -10.73 1.48 14.04
N LEU A 511 -11.20 1.28 15.27
CA LEU A 511 -10.51 0.42 16.24
C LEU A 511 -10.72 -1.07 15.97
N LEU A 512 -11.87 -1.44 15.40
CA LEU A 512 -12.13 -2.82 14.98
C LEU A 512 -11.24 -3.26 13.83
N VAL A 513 -11.12 -2.39 12.82
CA VAL A 513 -10.28 -2.68 11.64
C VAL A 513 -8.77 -2.55 11.91
N HIS A 514 -8.37 -1.67 12.82
CA HIS A 514 -6.95 -1.51 13.17
C HIS A 514 -6.45 -2.68 14.02
N THR A 515 -5.32 -3.26 13.63
CA THR A 515 -4.66 -4.32 14.40
C THR A 515 -3.93 -3.69 15.58
N SER A 516 -4.07 -4.30 16.76
CA SER A 516 -3.48 -3.77 18.00
C SER A 516 -3.57 -4.78 19.14
N ARG A 517 -2.47 -4.91 19.89
CA ARG A 517 -2.45 -5.73 21.10
C ARG A 517 -3.19 -5.03 22.25
N GLY A 518 -3.11 -3.71 22.29
CA GLY A 518 -3.81 -2.90 23.29
C GLY A 518 -2.94 -2.58 24.49
N GLN A 519 -1.75 -2.05 24.23
CA GLN A 519 -0.78 -1.69 25.27
C GLN A 519 -0.71 -0.16 25.46
N GLU A 520 -1.82 0.54 25.20
CA GLU A 520 -1.83 2.01 25.19
C GLU A 520 -2.41 2.57 26.49
N GLY A 521 -2.04 3.81 26.78
CA GLY A 521 -2.54 4.52 27.97
C GLY A 521 -2.05 3.99 29.30
N GLN A 522 -0.92 3.29 29.32
CA GLN A 522 -0.38 2.70 30.54
C GLN A 522 0.35 3.78 31.36
N GLU A 523 1.21 4.54 30.69
CA GLU A 523 1.92 5.67 31.32
C GLU A 523 1.06 6.94 31.46
N SER A 524 -0.09 6.99 30.76
CA SER A 524 -0.98 8.16 30.82
C SER A 524 -1.62 8.29 32.21
N PRO A 525 -1.67 9.53 32.75
CA PRO A 525 -2.14 9.72 34.12
C PRO A 525 -3.67 9.59 34.32
N GLU A 526 -4.45 10.16 33.39
CA GLU A 526 -5.91 10.26 33.57
C GLU A 526 -6.64 8.93 33.42
N GLN A 527 -7.89 8.91 33.91
CA GLN A 527 -8.72 7.70 33.95
C GLN A 527 -9.24 7.29 32.57
N TRP A 528 -9.78 8.25 31.84
CA TRP A 528 -10.34 7.99 30.51
C TRP A 528 -9.27 7.57 29.49
N GLN A 529 -8.07 8.15 29.60
CA GLN A 529 -6.97 7.87 28.68
C GLN A 529 -6.50 6.42 28.76
N ARG A 530 -6.38 5.90 29.98
CA ARG A 530 -5.98 4.49 30.19
C ARG A 530 -7.08 3.50 29.79
N MET A 531 -8.33 3.82 30.09
CA MET A 531 -9.47 2.97 29.69
C MET A 531 -9.75 3.00 28.18
N TYR A 532 -9.51 4.15 27.56
CA TYR A 532 -9.59 4.28 26.10
C TYR A 532 -8.50 3.46 25.40
N GLY A 533 -7.33 3.34 26.04
CA GLY A 533 -6.24 2.49 25.58
C GLY A 533 -6.53 0.99 25.62
N ARG A 534 -7.38 0.56 26.55
CA ARG A 534 -7.83 -0.84 26.62
C ARG A 534 -8.71 -1.19 25.42
N CYS A 535 -9.55 -0.24 25.02
CA CYS A 535 -10.46 -0.42 23.88
C CYS A 535 -9.80 -0.46 22.50
N SER A 536 -8.55 0.00 22.41
CA SER A 536 -7.80 -0.04 21.14
C SER A 536 -7.61 -1.47 20.61
N GLY A 537 -7.25 -2.38 21.53
CA GLY A 537 -7.07 -3.79 21.20
C GLY A 537 -8.30 -4.52 20.70
N ASN A 538 -9.49 -4.08 21.14
CA ASN A 538 -10.76 -4.72 20.77
C ASN A 538 -10.99 -4.80 19.26
N GLU A 539 -10.89 -6.02 18.73
CA GLU A 539 -11.09 -6.33 17.31
C GLU A 539 -11.99 -7.55 17.17
N VAL A 540 -12.72 -7.63 16.06
CA VAL A 540 -13.62 -8.78 15.81
C VAL A 540 -12.82 -10.02 15.36
N TYR A 541 -13.11 -11.16 15.99
CA TYR A 541 -12.46 -12.45 15.70
C TYR A 541 -13.52 -13.52 15.40
N HIS A 542 -13.06 -14.68 14.91
CA HIS A 542 -13.96 -15.79 14.55
C HIS A 542 -13.51 -17.12 15.18
N ILE A 543 -14.49 -17.90 15.64
CA ILE A 543 -14.27 -19.24 16.21
C ILE A 543 -15.48 -20.11 15.86
N ARG A 544 -15.27 -21.42 15.74
CA ARG A 544 -16.36 -22.38 15.51
C ARG A 544 -16.94 -22.88 16.83
N MET A 545 -18.23 -23.23 16.82
CA MET A 545 -18.97 -23.65 18.03
C MET A 545 -18.42 -24.90 18.71
N GLY A 546 -17.77 -25.79 17.96
CA GLY A 546 -17.14 -26.99 18.51
C GLY A 546 -16.02 -26.64 19.47
N ASP A 547 -14.94 -26.09 18.93
CA ASP A 547 -13.82 -25.61 19.75
C ASP A 547 -14.16 -24.24 20.34
N SER A 548 -14.94 -24.25 21.41
CA SER A 548 -15.43 -23.03 22.06
C SER A 548 -15.29 -23.11 23.58
N LYS A 549 -14.26 -22.42 24.11
CA LYS A 549 -14.10 -22.26 25.56
C LYS A 549 -15.26 -21.48 26.19
N PHE A 550 -15.75 -20.48 25.47
CA PHE A 550 -16.80 -19.58 25.98
C PHE A 550 -18.18 -20.22 25.88
N PHE A 551 -18.53 -20.66 24.67
CA PHE A 551 -19.88 -21.13 24.34
C PHE A 551 -19.92 -22.66 24.30
N MET A 552 -19.45 -23.29 25.37
CA MET A 552 -19.28 -24.74 25.42
C MET A 552 -20.62 -25.49 25.52
N GLU A 553 -21.57 -24.95 26.27
CA GLU A 553 -22.89 -25.55 26.46
C GLU A 553 -23.97 -24.47 26.54
N TYR A 554 -24.08 -23.70 25.47
CA TYR A 554 -25.15 -22.72 25.29
C TYR A 554 -25.75 -22.88 23.89
N GLU A 555 -26.00 -24.14 23.51
CA GLU A 555 -26.46 -24.49 22.17
C GLU A 555 -27.99 -24.39 22.08
N GLY A 556 -28.66 -25.11 22.98
CA GLY A 556 -30.13 -25.08 23.07
C GLY A 556 -30.71 -23.73 23.48
N LYS A 557 -29.92 -22.94 24.22
CA LYS A 557 -30.33 -21.59 24.64
C LYS A 557 -30.39 -20.61 23.47
N SER A 558 -30.98 -19.45 23.73
CA SER A 558 -31.16 -18.40 22.72
C SER A 558 -29.86 -17.63 22.42
N PHE A 559 -29.93 -16.68 21.48
CA PHE A 559 -28.77 -15.92 21.02
C PHE A 559 -28.20 -15.01 22.12
N THR A 560 -29.01 -14.05 22.57
CA THR A 560 -28.61 -13.10 23.61
C THR A 560 -28.46 -13.78 24.98
N TYR A 561 -29.15 -14.91 25.17
CA TYR A 561 -29.02 -15.73 26.39
C TYR A 561 -27.59 -16.27 26.55
N ALA A 562 -26.93 -16.56 25.43
CA ALA A 562 -25.53 -16.98 25.41
C ALA A 562 -24.57 -15.83 25.70
N ALA A 563 -24.81 -14.68 25.07
CA ALA A 563 -23.91 -13.52 25.16
C ALA A 563 -23.83 -12.89 26.55
N PHE A 564 -24.99 -12.76 27.21
CA PHE A 564 -25.07 -12.21 28.57
C PHE A 564 -24.40 -13.12 29.60
N HIS A 565 -24.67 -14.42 29.50
CA HIS A 565 -24.02 -15.43 30.35
C HIS A 565 -22.51 -15.50 30.09
N ALA A 566 -22.12 -15.32 28.82
CA ALA A 566 -20.71 -15.32 28.42
C ALA A 566 -19.98 -14.05 28.88
N HIS A 567 -20.57 -12.89 28.63
CA HIS A 567 -19.92 -11.62 28.90
C HIS A 567 -19.70 -11.33 30.39
N LYS A 568 -20.68 -11.68 31.21
CA LYS A 568 -20.53 -11.59 32.67
C LYS A 568 -19.46 -12.56 33.19
N LYS A 569 -19.42 -13.76 32.60
CA LYS A 569 -18.46 -14.78 33.00
C LYS A 569 -17.03 -14.44 32.57
N TYR A 570 -16.85 -14.14 31.28
CA TYR A 570 -15.51 -13.98 30.68
C TYR A 570 -15.22 -12.56 30.19
N GLY A 571 -16.10 -12.04 29.33
CA GLY A 571 -15.99 -10.67 28.80
C GLY A 571 -15.80 -10.65 27.29
N VAL A 572 -16.78 -11.22 26.58
CA VAL A 572 -16.79 -11.33 25.12
C VAL A 572 -18.19 -11.07 24.60
N CYS A 573 -18.31 -10.17 23.62
CA CYS A 573 -19.59 -9.84 22.98
C CYS A 573 -19.81 -10.67 21.73
N LEU A 574 -20.90 -11.44 21.70
CA LEU A 574 -21.29 -12.24 20.53
C LEU A 574 -21.90 -11.32 19.47
N ILE A 575 -21.47 -11.49 18.21
CA ILE A 575 -21.86 -10.60 17.11
C ILE A 575 -22.64 -11.34 16.02
N GLY A 576 -21.97 -12.26 15.33
CA GLY A 576 -22.49 -12.86 14.09
C GLY A 576 -22.37 -14.36 14.01
N ILE A 577 -23.21 -14.96 13.15
CA ILE A 577 -23.25 -16.41 12.93
C ILE A 577 -23.50 -16.72 11.45
N ARG A 578 -22.77 -17.70 10.93
CA ARG A 578 -23.06 -18.30 9.61
C ARG A 578 -22.87 -19.81 9.68
N ARG A 579 -23.96 -20.57 9.53
CA ARG A 579 -23.88 -22.03 9.44
C ARG A 579 -23.31 -22.48 8.10
N GLU A 580 -22.94 -23.75 8.01
CA GLU A 580 -22.27 -24.30 6.82
C GLU A 580 -23.17 -24.36 5.56
N GLU A 581 -24.49 -24.31 5.75
CA GLU A 581 -25.46 -24.25 4.63
C GLU A 581 -25.22 -23.07 3.69
N ASN A 582 -24.97 -21.89 4.27
CA ASN A 582 -24.73 -20.67 3.49
C ASN A 582 -23.80 -19.68 4.19
N LYS A 583 -23.02 -18.95 3.39
CA LYS A 583 -21.99 -18.04 3.92
C LYS A 583 -22.47 -16.62 4.25
N SER A 584 -23.80 -16.40 4.23
CA SER A 584 -24.37 -15.09 4.57
C SER A 584 -24.19 -14.79 6.07
N ILE A 585 -23.28 -13.86 6.38
CA ILE A 585 -22.95 -13.50 7.77
C ILE A 585 -24.06 -12.59 8.32
N LEU A 586 -24.34 -12.75 9.61
CA LEU A 586 -25.36 -11.96 10.31
C LEU A 586 -24.73 -11.03 11.34
N LEU A 587 -25.50 -10.05 11.79
CA LEU A 587 -25.13 -9.14 12.87
C LEU A 587 -26.33 -9.00 13.80
N ASN A 588 -26.19 -9.51 15.03
CA ASN A 588 -27.30 -9.61 15.99
C ASN A 588 -28.54 -10.29 15.39
N PRO A 589 -28.47 -11.62 15.21
CA PRO A 589 -29.70 -12.38 15.01
C PRO A 589 -30.60 -12.27 16.24
N GLY A 590 -31.91 -12.34 16.03
CA GLY A 590 -32.88 -12.28 17.12
C GLY A 590 -32.82 -13.50 18.03
N PRO A 591 -33.77 -13.59 18.99
CA PRO A 591 -33.78 -14.75 19.89
C PRO A 591 -34.20 -16.07 19.23
N ARG A 592 -34.82 -16.01 18.04
CA ARG A 592 -35.28 -17.21 17.34
C ARG A 592 -34.16 -18.05 16.73
N HIS A 593 -32.97 -17.45 16.53
CA HIS A 593 -31.79 -18.19 16.10
C HIS A 593 -31.30 -19.06 17.25
N ILE A 594 -31.35 -20.38 17.08
CA ILE A 594 -30.83 -21.34 18.06
C ILE A 594 -29.35 -21.62 17.70
N MET A 595 -28.51 -21.70 18.72
CA MET A 595 -27.05 -21.80 18.53
C MET A 595 -26.67 -23.24 18.15
N ALA A 596 -26.23 -23.42 16.90
CA ALA A 596 -25.92 -24.75 16.38
C ALA A 596 -24.57 -25.27 16.87
N ALA A 597 -24.30 -26.54 16.58
CA ALA A 597 -23.09 -27.24 17.04
C ALA A 597 -21.84 -26.94 16.20
N SER A 598 -22.02 -26.54 14.94
CA SER A 598 -20.90 -26.21 14.03
C SER A 598 -21.21 -24.99 13.16
N ASP A 599 -21.18 -23.82 13.81
CA ASP A 599 -21.36 -22.52 13.15
C ASP A 599 -20.14 -21.65 13.45
N THR A 600 -19.58 -21.02 12.42
CA THR A 600 -18.45 -20.11 12.59
C THR A 600 -18.94 -18.80 13.20
N CYS A 601 -18.95 -18.74 14.52
CA CYS A 601 -19.43 -17.56 15.26
C CYS A 601 -18.40 -16.44 15.20
N PHE A 602 -18.88 -15.19 15.33
CA PHE A 602 -18.02 -14.01 15.36
C PHE A 602 -18.22 -13.24 16.66
N TYR A 603 -17.14 -12.69 17.19
CA TYR A 603 -17.12 -12.06 18.51
C TYR A 603 -16.04 -10.99 18.62
N ILE A 604 -16.24 -10.05 19.55
CA ILE A 604 -15.27 -8.96 19.79
C ILE A 604 -14.53 -9.20 21.10
N ASN A 605 -13.19 -9.15 21.03
CA ASN A 605 -12.31 -9.21 22.20
C ASN A 605 -10.97 -8.57 21.84
N ILE A 606 -10.08 -8.40 22.81
CA ILE A 606 -8.75 -7.84 22.56
C ILE A 606 -7.91 -8.83 21.75
N THR A 607 -7.94 -10.10 22.15
CA THR A 607 -7.33 -11.19 21.40
C THR A 607 -8.21 -12.45 21.44
N LYS A 608 -7.97 -13.36 20.50
CA LYS A 608 -8.70 -14.63 20.43
C LYS A 608 -8.25 -15.62 21.52
N GLU A 609 -8.92 -16.76 21.59
CA GLU A 609 -8.64 -17.78 22.61
C GLU A 609 -7.23 -18.37 22.53
N GLU A 610 -6.79 -18.68 21.32
CA GLU A 610 -5.49 -19.35 21.10
C GLU A 610 -4.25 -18.49 21.41
N ASN A 611 -4.35 -17.17 21.23
CA ASN A 611 -3.20 -16.27 21.45
C ASN A 611 -2.84 -16.08 22.93
N SER A 612 -3.86 -15.86 23.77
CA SER A 612 -3.66 -15.66 25.20
C SER A 612 -4.81 -16.24 26.02
N ALA A 613 -4.48 -17.18 26.92
CA ALA A 613 -5.45 -17.78 27.84
C ALA A 613 -5.15 -17.36 29.28
N PHE A 614 -4.98 -16.04 29.48
CA PHE A 614 -4.72 -15.48 30.79
C PHE A 614 -6.00 -15.42 31.61
N ILE A 615 -7.03 -14.79 31.02
CA ILE A 615 -8.37 -14.73 31.62
C ILE A 615 -9.12 -16.07 31.56
N PHE A 616 -8.74 -16.94 30.63
CA PHE A 616 -9.37 -18.26 30.47
C PHE A 616 -9.20 -19.16 31.69
N LYS A 617 -8.02 -19.12 32.31
CA LYS A 617 -7.72 -19.93 33.49
C LYS A 617 -8.39 -19.38 34.76
N GLN A 618 -7.97 -18.18 35.17
CA GLN A 618 -8.46 -17.57 36.42
C GLN A 618 -9.84 -16.94 36.20
N VAL A 720 -48.46 14.51 7.19
CA VAL A 720 -47.79 13.24 7.35
C VAL A 720 -48.42 12.18 6.44
N GLU A 721 -47.64 11.72 5.45
CA GLU A 721 -48.11 10.70 4.51
C GLU A 721 -46.94 10.03 3.77
N TYR A 722 -46.03 9.43 4.54
CA TYR A 722 -44.84 8.75 3.99
C TYR A 722 -45.18 7.34 3.53
N VAL A 723 -44.25 6.69 2.84
CA VAL A 723 -44.40 5.32 2.32
C VAL A 723 -43.13 4.52 2.55
N LYS A 724 -43.28 3.28 3.03
CA LYS A 724 -42.15 2.36 3.23
C LYS A 724 -42.02 1.44 2.03
N GLY A 725 -40.90 1.58 1.30
CA GLY A 725 -40.65 0.76 0.11
C GLY A 725 -39.23 0.86 -0.41
N TYR A 726 -38.94 0.09 -1.47
CA TYR A 726 -37.60 0.05 -2.07
C TYR A 726 -37.36 1.28 -2.95
N PRO A 727 -36.11 1.80 -2.96
CA PRO A 727 -35.80 2.94 -3.83
C PRO A 727 -35.68 2.47 -5.29
N PRO A 728 -36.52 3.01 -6.20
CA PRO A 728 -36.57 2.51 -7.57
C PRO A 728 -35.31 2.76 -8.39
N ASN A 729 -34.88 4.02 -8.47
CA ASN A 729 -33.73 4.40 -9.29
C ASN A 729 -32.42 4.10 -8.57
N SER A 730 -31.97 2.85 -8.71
CA SER A 730 -30.64 2.44 -8.23
C SER A 730 -29.60 2.98 -9.23
N PRO A 731 -28.76 3.94 -8.79
CA PRO A 731 -27.86 4.61 -9.73
C PRO A 731 -26.66 3.77 -10.21
N TYR A 732 -26.28 2.75 -9.43
CA TYR A 732 -25.20 1.82 -9.84
C TYR A 732 -25.66 0.36 -9.74
N ILE A 733 -24.82 -0.55 -10.26
CA ILE A 733 -25.23 -1.93 -10.51
C ILE A 733 -25.29 -2.77 -9.24
N GLY A 734 -24.26 -2.68 -8.40
CA GLY A 734 -24.22 -3.42 -7.13
C GLY A 734 -24.88 -2.71 -5.96
N SER A 735 -25.96 -1.98 -6.21
CA SER A 735 -26.67 -1.23 -5.18
C SER A 735 -27.70 -2.13 -4.53
N SER A 736 -27.33 -2.75 -3.41
CA SER A 736 -28.25 -3.57 -2.62
C SER A 736 -29.29 -2.65 -1.98
N PRO A 737 -30.54 -2.69 -2.48
CA PRO A 737 -31.54 -1.71 -2.05
C PRO A 737 -32.15 -2.04 -0.69
N THR A 738 -31.81 -1.23 0.31
CA THR A 738 -32.41 -1.35 1.65
C THR A 738 -33.83 -0.80 1.61
N LEU A 739 -34.71 -1.35 2.44
CA LEU A 739 -36.06 -0.82 2.62
C LEU A 739 -35.98 0.55 3.29
N CYS A 740 -36.72 1.52 2.74
CA CYS A 740 -36.55 2.93 3.10
C CYS A 740 -37.87 3.70 3.10
N HIS A 741 -37.88 4.82 3.82
CA HIS A 741 -38.98 5.79 3.74
C HIS A 741 -38.90 6.50 2.39
N LEU A 742 -40.05 6.67 1.76
CA LEU A 742 -40.16 7.32 0.45
C LEU A 742 -41.47 8.10 0.37
N LEU A 743 -41.52 9.09 -0.51
CA LEU A 743 -42.74 9.82 -0.79
C LEU A 743 -43.67 8.95 -1.64
N PRO A 744 -45.00 9.13 -1.51
CA PRO A 744 -45.93 8.35 -2.32
C PRO A 744 -45.87 8.74 -3.81
N GLU A 745 -45.97 10.04 -4.07
CA GLU A 745 -45.67 10.61 -5.39
C GLU A 745 -44.27 11.20 -5.31
N LYS A 746 -43.43 10.89 -6.30
CA LYS A 746 -42.07 11.40 -6.35
C LYS A 746 -42.09 12.88 -6.73
N ALA A 747 -41.65 13.73 -5.80
CA ALA A 747 -41.72 15.19 -5.98
C ALA A 747 -40.76 15.66 -7.08
N PRO A 748 -41.15 16.70 -7.84
CA PRO A 748 -40.38 17.12 -9.03
C PRO A 748 -39.03 17.79 -8.69
N PHE A 749 -38.26 18.10 -9.73
CA PHE A 749 -36.95 18.75 -9.57
C PHE A 749 -37.04 20.16 -8.95
N CYS A 750 -38.17 20.84 -9.17
CA CYS A 750 -38.40 22.18 -8.61
C CYS A 750 -38.51 22.17 -7.08
N CYS A 751 -39.27 21.21 -6.55
CA CYS A 751 -39.50 21.10 -5.10
C CYS A 751 -38.25 20.68 -4.30
N LEU A 752 -37.30 20.00 -4.94
CA LEU A 752 -36.02 19.63 -4.31
C LEU A 752 -35.17 20.85 -3.97
N ARG A 753 -35.07 21.80 -4.90
CA ARG A 753 -34.24 22.98 -4.72
C ARG A 753 -34.89 24.02 -3.80
N LEU A 754 -34.16 24.42 -2.76
CA LEU A 754 -34.61 25.46 -1.83
C LEU A 754 -34.49 26.84 -2.48
N ASP A 755 -33.31 27.12 -3.01
CA ASP A 755 -32.91 28.45 -3.53
C ASP A 755 -33.98 29.23 -4.29
N LYS A 756 -34.77 28.54 -5.12
CA LYS A 756 -35.86 29.15 -5.88
C LYS A 756 -37.22 28.63 -5.43
N GLY A 757 -38.21 29.53 -5.43
CA GLY A 757 -39.60 29.16 -5.12
C GLY A 757 -40.26 28.51 -6.32
N CYS A 758 -40.63 27.24 -6.17
CA CYS A 758 -41.25 26.46 -7.25
C CYS A 758 -42.72 26.84 -7.45
N LYS A 759 -43.36 26.23 -8.45
CA LYS A 759 -44.79 26.41 -8.71
C LYS A 759 -45.63 25.29 -8.08
N HIS A 760 -45.34 25.02 -6.80
CA HIS A 760 -46.07 24.05 -5.98
C HIS A 760 -46.20 24.58 -4.55
N ASN A 761 -45.06 24.83 -3.91
CA ASN A 761 -44.97 25.58 -2.65
C ASN A 761 -43.79 26.55 -2.72
N SER A 762 -44.10 27.82 -3.01
CA SER A 762 -43.06 28.84 -3.23
C SER A 762 -42.41 29.28 -1.91
N PHE A 763 -41.30 28.63 -1.58
CA PHE A 763 -40.48 28.98 -0.42
C PHE A 763 -39.00 28.99 -0.80
N GLU A 764 -38.22 29.86 -0.15
CA GLU A 764 -36.83 30.13 -0.52
C GLU A 764 -35.83 29.56 0.50
N ASP A 765 -35.93 30.01 1.76
CA ASP A 765 -35.04 29.56 2.84
C ASP A 765 -35.63 28.37 3.60
N ALA A 766 -34.81 27.76 4.43
CA ALA A 766 -35.21 26.59 5.23
C ALA A 766 -36.21 26.93 6.36
N LYS A 767 -36.23 28.19 6.79
CA LYS A 767 -37.13 28.64 7.85
C LYS A 767 -38.60 28.68 7.42
N ALA A 768 -38.84 29.02 6.15
CA ALA A 768 -40.21 29.12 5.61
C ALA A 768 -40.94 27.77 5.52
N TYR A 769 -40.20 26.69 5.30
CA TYR A 769 -40.77 25.34 5.31
C TYR A 769 -41.26 24.93 6.69
N GLY A 770 -40.49 25.28 7.73
CA GLY A 770 -40.83 24.96 9.11
C GLY A 770 -40.50 23.52 9.44
N PHE A 771 -39.21 23.20 9.33
CA PHE A 771 -38.71 21.85 9.59
C PHE A 771 -38.66 21.55 11.08
N LYS A 772 -39.53 20.65 11.54
CA LYS A 772 -39.43 20.08 12.88
C LYS A 772 -38.27 19.10 12.91
N ASN A 773 -37.65 18.96 14.09
CA ASN A 773 -36.38 18.26 14.26
C ASN A 773 -35.21 19.01 13.62
N LYS A 774 -34.06 19.02 14.30
CA LYS A 774 -32.88 19.76 13.83
C LYS A 774 -32.29 19.17 12.55
N LEU A 775 -31.55 20.00 11.83
CA LEU A 775 -31.13 19.73 10.45
C LEU A 775 -29.75 19.06 10.34
N ILE A 776 -29.55 18.34 9.23
CA ILE A 776 -28.25 17.79 8.84
C ILE A 776 -27.87 18.38 7.48
N ILE A 777 -26.60 18.77 7.35
CA ILE A 777 -26.09 19.41 6.13
C ILE A 777 -24.95 18.57 5.55
N VAL A 778 -24.78 18.61 4.24
CA VAL A 778 -23.70 17.88 3.55
C VAL A 778 -23.09 18.75 2.45
N SER A 779 -21.87 19.24 2.68
CA SER A 779 -21.10 19.94 1.64
C SER A 779 -20.44 18.90 0.74
N ALA A 780 -20.38 19.19 -0.56
CA ALA A 780 -19.82 18.26 -1.53
C ALA A 780 -19.34 18.97 -2.81
N GLU A 781 -18.39 18.34 -3.49
CA GLU A 781 -17.80 18.87 -4.72
C GLU A 781 -18.80 18.77 -5.88
N THR A 782 -19.30 17.56 -6.09
CA THR A 782 -20.33 17.28 -7.11
C THR A 782 -21.36 16.31 -6.54
N ALA A 783 -22.46 16.14 -7.27
CA ALA A 783 -23.53 15.22 -6.89
C ALA A 783 -23.20 13.79 -7.32
N GLY A 784 -22.23 13.18 -6.65
CA GLY A 784 -21.79 11.82 -6.95
C GLY A 784 -22.70 10.78 -6.33
N ASN A 785 -22.40 9.51 -6.61
CA ASN A 785 -23.17 8.39 -6.05
C ASN A 785 -22.90 8.09 -4.58
N GLY A 786 -21.87 8.71 -4.01
CA GLY A 786 -21.63 8.66 -2.57
C GLY A 786 -22.74 9.31 -1.76
N LEU A 787 -23.26 10.43 -2.26
CA LEU A 787 -24.39 11.13 -1.63
C LEU A 787 -25.70 10.33 -1.69
N TYR A 788 -25.81 9.40 -2.63
CA TYR A 788 -26.87 8.39 -2.61
C TYR A 788 -26.60 7.39 -1.49
N ASN A 789 -25.36 6.92 -1.38
CA ASN A 789 -24.94 6.03 -0.28
C ASN A 789 -24.97 6.68 1.11
N PHE A 790 -24.94 8.01 1.15
CA PHE A 790 -25.20 8.78 2.37
C PHE A 790 -26.67 8.62 2.80
N ILE A 791 -27.59 8.81 1.85
CA ILE A 791 -29.02 8.87 2.14
C ILE A 791 -29.62 7.51 2.56
N VAL A 792 -29.10 6.42 2.00
CA VAL A 792 -29.66 5.07 2.22
C VAL A 792 -29.75 4.65 3.71
N PRO A 793 -28.61 4.63 4.44
CA PRO A 793 -28.67 4.25 5.87
C PRO A 793 -29.40 5.25 6.78
N LEU A 794 -29.41 6.53 6.40
CA LEU A 794 -30.11 7.56 7.17
C LEU A 794 -31.63 7.52 6.98
N ARG A 795 -32.08 7.24 5.75
CA ARG A 795 -33.52 7.22 5.42
C ARG A 795 -34.11 5.81 5.34
N ALA A 796 -33.72 4.93 6.26
CA ALA A 796 -34.18 3.55 6.27
C ALA A 796 -35.60 3.43 6.82
N TYR A 797 -36.22 2.26 6.60
CA TYR A 797 -37.54 1.95 7.16
C TYR A 797 -37.44 1.72 8.67
N TYR A 798 -36.35 1.10 9.11
CA TYR A 798 -36.13 0.77 10.51
C TYR A 798 -35.86 1.98 11.42
N ARG A 799 -35.47 3.11 10.82
CA ARG A 799 -35.38 4.39 11.54
C ARG A 799 -36.79 4.90 11.84
N SER A 800 -36.96 5.55 13.00
CA SER A 800 -38.25 6.13 13.37
C SER A 800 -38.53 7.37 12.52
N ARG A 801 -39.78 7.50 12.04
CA ARG A 801 -40.15 8.58 11.12
C ARG A 801 -40.11 9.99 11.74
N LYS A 802 -40.42 10.09 13.03
CA LYS A 802 -40.35 11.36 13.75
C LYS A 802 -38.93 11.74 14.16
N GLU A 803 -38.02 10.78 14.17
CA GLU A 803 -36.58 11.02 14.39
C GLU A 803 -35.81 11.39 13.11
N LEU A 804 -36.48 11.32 11.94
CA LEU A 804 -35.85 11.65 10.66
C LEU A 804 -35.45 13.12 10.59
N ASN A 805 -34.16 13.38 10.84
CA ASN A 805 -33.60 14.73 10.75
C ASN A 805 -33.40 15.10 9.27
N PRO A 806 -33.96 16.24 8.82
CA PRO A 806 -33.90 16.53 7.38
C PRO A 806 -32.48 16.79 6.85
N ILE A 807 -32.29 16.47 5.57
CA ILE A 807 -30.97 16.47 4.92
C ILE A 807 -30.87 17.63 3.92
N VAL A 808 -29.69 18.26 3.87
CA VAL A 808 -29.41 19.34 2.92
C VAL A 808 -28.07 19.07 2.23
N LEU A 809 -28.06 19.12 0.90
CA LEU A 809 -26.86 18.87 0.11
C LEU A 809 -26.32 20.18 -0.44
N LEU A 810 -25.39 20.79 0.30
CA LEU A 810 -24.73 22.03 -0.13
C LEU A 810 -23.69 21.73 -1.21
N LEU A 811 -24.17 21.52 -2.44
CA LEU A 811 -23.32 21.17 -3.56
C LEU A 811 -22.58 22.41 -4.06
N ASP A 812 -21.33 22.23 -4.48
CA ASP A 812 -20.56 23.32 -5.08
C ASP A 812 -20.98 23.50 -6.54
N ASN A 813 -20.98 22.40 -7.30
CA ASN A 813 -21.50 22.36 -8.66
C ASN A 813 -23.01 22.08 -8.69
N LYS A 814 -23.60 22.11 -9.87
CA LYS A 814 -24.98 21.68 -10.07
C LYS A 814 -25.12 20.17 -9.90
N PRO A 815 -26.34 19.69 -9.60
CA PRO A 815 -26.62 18.25 -9.62
C PRO A 815 -27.01 17.77 -11.01
N GLU A 816 -26.49 16.60 -11.42
CA GLU A 816 -26.79 16.01 -12.73
C GLU A 816 -28.20 15.42 -12.77
N HIS A 817 -28.73 15.25 -13.99
CA HIS A 817 -30.03 14.59 -14.19
C HIS A 817 -30.01 13.10 -13.78
N HIS A 818 -28.83 12.49 -13.83
CA HIS A 818 -28.62 11.14 -13.29
C HIS A 818 -28.94 11.06 -11.80
N PHE A 819 -28.30 11.92 -11.02
CA PHE A 819 -28.43 11.90 -9.56
C PHE A 819 -29.77 12.47 -9.07
N LEU A 820 -30.25 13.53 -9.72
CA LEU A 820 -31.54 14.14 -9.36
C LEU A 820 -32.72 13.18 -9.43
N GLU A 821 -32.67 12.25 -10.40
CA GLU A 821 -33.69 11.20 -10.53
C GLU A 821 -33.54 10.10 -9.47
N ALA A 822 -32.29 9.79 -9.10
CA ALA A 822 -32.00 8.83 -8.03
C ALA A 822 -32.46 9.33 -6.68
N ILE A 823 -32.05 10.55 -6.34
CA ILE A 823 -32.44 11.20 -5.09
C ILE A 823 -33.93 11.63 -5.05
N CYS A 824 -34.54 11.83 -6.22
CA CYS A 824 -35.95 12.26 -6.36
C CYS A 824 -36.95 11.65 -5.38
N CYS A 825 -36.83 10.34 -5.15
CA CYS A 825 -37.81 9.57 -4.39
C CYS A 825 -37.83 9.84 -2.88
N PHE A 826 -36.68 10.19 -2.31
CA PHE A 826 -36.51 10.23 -0.84
C PHE A 826 -37.17 11.46 -0.21
N PRO A 827 -37.68 11.34 1.05
CA PRO A 827 -38.41 12.43 1.69
C PRO A 827 -37.52 13.38 2.51
N MET A 828 -37.86 14.67 2.48
CA MET A 828 -37.20 15.70 3.28
C MET A 828 -35.70 15.82 3.02
N VAL A 829 -35.33 15.78 1.73
CA VAL A 829 -33.94 15.94 1.28
C VAL A 829 -33.91 17.02 0.21
N TYR A 830 -33.04 18.03 0.41
CA TYR A 830 -33.01 19.23 -0.43
C TYR A 830 -31.56 19.59 -0.80
N TYR A 831 -31.40 20.60 -1.65
CA TYR A 831 -30.07 21.06 -2.07
C TYR A 831 -30.03 22.55 -2.35
N MET A 832 -28.83 23.12 -2.25
CA MET A 832 -28.57 24.52 -2.58
C MET A 832 -27.14 24.67 -3.07
N GLU A 833 -26.96 25.45 -4.14
CA GLU A 833 -25.64 25.67 -4.73
C GLU A 833 -24.85 26.70 -3.91
N GLY A 834 -23.94 26.20 -3.07
CA GLY A 834 -23.09 27.05 -2.24
C GLY A 834 -21.85 26.33 -1.73
N THR A 835 -21.04 27.04 -0.94
CA THR A 835 -19.81 26.51 -0.36
C THR A 835 -19.74 26.80 1.14
N ILE A 836 -18.76 26.21 1.81
CA ILE A 836 -18.56 26.39 3.25
C ILE A 836 -17.93 27.76 3.54
N ASP A 837 -17.11 28.25 2.62
CA ASP A 837 -16.46 29.57 2.76
C ASP A 837 -17.48 30.72 2.72
N ASN A 838 -18.46 30.63 1.82
CA ASN A 838 -19.53 31.63 1.73
C ASN A 838 -20.53 31.47 2.89
N LEU A 839 -20.56 32.48 3.77
CA LEU A 839 -21.36 32.43 5.00
C LEU A 839 -22.86 32.56 4.73
N ASP A 840 -23.24 33.45 3.81
CA ASP A 840 -24.65 33.71 3.50
C ASP A 840 -25.38 32.49 2.92
N SER A 841 -24.68 31.72 2.07
CA SER A 841 -25.24 30.48 1.51
C SER A 841 -25.56 29.44 2.59
N LEU A 842 -24.75 29.40 3.63
CA LEU A 842 -24.95 28.47 4.74
C LEU A 842 -26.14 28.84 5.62
N LEU A 843 -26.28 30.12 5.94
CA LEU A 843 -27.36 30.59 6.83
C LEU A 843 -28.77 30.43 6.25
N GLN A 844 -28.88 30.46 4.91
CA GLN A 844 -30.14 30.16 4.24
C GLN A 844 -30.56 28.70 4.43
N CYS A 845 -29.59 27.78 4.33
CA CYS A 845 -29.84 26.35 4.57
C CYS A 845 -30.23 26.07 6.02
N GLY A 846 -29.67 26.84 6.95
CA GLY A 846 -30.07 26.78 8.37
C GLY A 846 -29.01 26.18 9.27
N ILE A 847 -27.88 26.88 9.39
CA ILE A 847 -26.85 26.56 10.37
C ILE A 847 -27.36 26.90 11.78
N ILE A 848 -28.20 27.94 11.86
CA ILE A 848 -28.80 28.42 13.11
C ILE A 848 -29.46 27.29 13.93
N TYR A 849 -30.06 26.32 13.24
CA TYR A 849 -30.56 25.09 13.86
C TYR A 849 -30.09 23.88 13.05
N ALA A 850 -29.02 23.23 13.53
CA ALA A 850 -28.44 22.08 12.84
C ALA A 850 -27.58 21.23 13.78
N ASP A 851 -27.85 19.93 13.82
CA ASP A 851 -27.07 19.00 14.64
C ASP A 851 -25.70 18.74 14.02
N ASN A 852 -25.69 18.38 12.73
CA ASN A 852 -24.45 18.01 12.04
C ASN A 852 -24.28 18.69 10.68
N LEU A 853 -23.04 18.68 10.22
CA LEU A 853 -22.64 19.32 8.98
C LEU A 853 -21.47 18.52 8.38
N VAL A 854 -21.77 17.71 7.37
CA VAL A 854 -20.77 16.86 6.71
C VAL A 854 -20.01 17.67 5.66
N VAL A 855 -18.72 17.38 5.52
CA VAL A 855 -17.84 18.09 4.59
C VAL A 855 -17.01 17.08 3.78
N VAL A 856 -17.02 17.23 2.46
CA VAL A 856 -16.24 16.39 1.55
C VAL A 856 -15.69 17.27 0.41
N ASP A 857 -14.38 17.54 0.42
CA ASP A 857 -13.72 18.39 -0.58
C ASP A 857 -12.51 17.69 -1.22
N LYS A 858 -11.98 18.29 -2.29
CA LYS A 858 -10.80 17.79 -3.00
C LYS A 858 -10.10 18.90 -3.77
N ALA A 864 -1.00 20.38 -5.43
CA ALA A 864 -0.01 20.82 -4.46
C ALA A 864 1.29 20.01 -4.57
N GLU A 865 2.42 20.67 -4.31
CA GLU A 865 3.74 20.03 -4.37
C GLU A 865 3.99 19.11 -3.19
N GLU A 866 3.67 19.59 -1.98
CA GLU A 866 3.83 18.80 -0.75
C GLU A 866 2.57 18.02 -0.40
N ASP A 867 2.73 17.05 0.50
CA ASP A 867 1.70 16.05 0.79
C ASP A 867 0.60 16.57 1.71
N TYR A 868 0.96 16.88 2.94
CA TYR A 868 0.00 17.17 4.01
C TYR A 868 -0.69 18.54 3.88
N MET A 869 -0.10 19.45 3.10
CA MET A 869 -0.69 20.78 2.87
C MET A 869 -1.83 20.78 1.86
N ALA A 870 -2.03 19.67 1.14
CA ALA A 870 -3.07 19.57 0.09
C ALA A 870 -4.51 19.76 0.59
N ASP A 871 -4.79 19.38 1.83
CA ASP A 871 -6.15 19.46 2.41
C ASP A 871 -6.28 20.58 3.45
N ALA A 872 -5.64 21.72 3.19
CA ALA A 872 -5.65 22.87 4.10
C ALA A 872 -6.96 23.64 4.02
N LYS A 873 -7.44 23.86 2.80
CA LYS A 873 -8.71 24.57 2.53
C LYS A 873 -9.85 24.11 3.44
N THR A 874 -10.03 22.80 3.53
CA THR A 874 -11.09 22.19 4.33
C THR A 874 -10.91 22.47 5.83
N ILE A 875 -9.67 22.39 6.30
CA ILE A 875 -9.34 22.59 7.72
C ILE A 875 -9.59 24.05 8.14
N VAL A 876 -9.23 24.99 7.27
CA VAL A 876 -9.44 26.43 7.52
C VAL A 876 -10.94 26.76 7.52
N ASN A 877 -11.67 26.21 6.54
CA ASN A 877 -13.12 26.44 6.44
C ASN A 877 -13.92 25.84 7.60
N VAL A 878 -13.46 24.69 8.12
CA VAL A 878 -14.07 24.07 9.30
C VAL A 878 -13.70 24.85 10.58
N GLN A 879 -12.43 25.22 10.70
CA GLN A 879 -11.95 26.03 11.85
C GLN A 879 -12.63 27.40 11.91
N THR A 880 -13.03 27.93 10.75
CA THR A 880 -13.90 29.11 10.68
C THR A 880 -15.26 28.81 11.31
N MET A 881 -15.88 27.70 10.87
CA MET A 881 -17.19 27.28 11.38
C MET A 881 -17.17 26.84 12.85
N PHE A 882 -16.03 26.33 13.31
CA PHE A 882 -15.85 25.97 14.73
C PHE A 882 -15.86 27.20 15.65
N ARG A 883 -15.11 28.23 15.26
CA ARG A 883 -15.06 29.48 16.02
C ARG A 883 -16.41 30.21 15.99
N LEU A 884 -17.08 30.17 14.83
CA LEU A 884 -18.40 30.79 14.67
C LEU A 884 -19.48 30.12 15.52
N PHE A 885 -19.52 28.78 15.48
CA PHE A 885 -20.54 27.99 16.19
C PHE A 885 -19.91 26.88 17.02
N PRO A 886 -19.47 27.21 18.25
CA PRO A 886 -19.05 26.20 19.24
C PRO A 886 -20.11 25.13 19.54
N SER A 887 -21.38 25.53 19.53
CA SER A 887 -22.51 24.61 19.71
C SER A 887 -22.59 23.55 18.61
N LEU A 888 -22.30 23.95 17.37
CA LEU A 888 -22.41 23.06 16.21
C LEU A 888 -21.37 21.94 16.22
N SER A 889 -21.85 20.71 16.37
CA SER A 889 -21.02 19.51 16.12
C SER A 889 -20.85 19.39 14.61
N ILE A 890 -19.61 19.36 14.14
CA ILE A 890 -19.30 19.40 12.71
C ILE A 890 -18.36 18.24 12.34
N ILE A 891 -18.84 17.36 11.45
CA ILE A 891 -18.08 16.15 11.06
C ILE A 891 -17.49 16.31 9.66
N THR A 892 -16.37 15.62 9.41
CA THR A 892 -15.61 15.79 8.16
C THR A 892 -14.73 14.56 7.89
N GLU A 893 -14.42 14.33 6.61
CA GLU A 893 -13.39 13.38 6.20
C GLU A 893 -12.22 14.16 5.60
N LEU A 894 -11.13 14.28 6.36
CA LEU A 894 -9.87 14.83 5.88
C LEU A 894 -9.03 13.71 5.29
N THR A 895 -8.32 14.01 4.21
CA THR A 895 -7.60 13.00 3.43
C THR A 895 -6.50 12.30 4.24
N HIS A 896 -5.52 13.06 4.70
CA HIS A 896 -4.38 12.50 5.43
C HIS A 896 -4.69 12.35 6.93
N PRO A 897 -4.11 11.31 7.58
CA PRO A 897 -4.30 11.10 9.02
C PRO A 897 -3.40 11.97 9.92
N SER A 898 -2.43 12.69 9.35
CA SER A 898 -1.58 13.60 10.12
C SER A 898 -2.32 14.83 10.64
N ASN A 899 -3.36 15.25 9.91
CA ASN A 899 -4.04 16.52 10.16
C ASN A 899 -5.29 16.42 11.07
N MET A 900 -5.32 15.45 11.98
CA MET A 900 -6.40 15.35 12.96
C MET A 900 -6.23 16.44 14.02
N ARG A 901 -4.99 16.62 14.45
CA ARG A 901 -4.57 17.73 15.34
C ARG A 901 -5.10 19.11 14.97
N PHE A 902 -5.15 19.42 13.66
CA PHE A 902 -5.55 20.74 13.18
C PHE A 902 -7.06 20.92 12.97
N MET A 903 -7.84 19.84 13.16
CA MET A 903 -9.27 19.82 12.81
C MET A 903 -10.09 20.85 13.59
N GLN A 904 -10.25 20.64 14.90
CA GLN A 904 -10.91 21.59 15.79
C GLN A 904 -9.84 22.12 16.72
N PHE A 905 -8.88 22.83 16.13
CA PHE A 905 -7.66 23.22 16.82
C PHE A 905 -7.89 24.23 17.95
N ARG A 906 -7.31 23.94 19.12
CA ARG A 906 -7.36 24.81 20.29
C ARG A 906 -6.04 25.57 20.40
N ALA A 907 -6.10 26.89 20.27
CA ALA A 907 -4.90 27.73 20.35
C ALA A 907 -4.45 27.89 21.80
N LYS A 908 -5.32 28.50 22.61
CA LYS A 908 -5.03 28.82 24.02
C LYS A 908 -5.70 27.81 24.95
N ASP A 909 -5.22 26.58 24.89
CA ASP A 909 -5.65 25.51 25.79
C ASP A 909 -4.52 24.49 25.93
N SER A 910 -3.99 24.36 27.14
CA SER A 910 -2.81 23.52 27.41
C SER A 910 -3.07 22.01 27.29
N TYR A 911 -4.32 21.60 27.51
CA TYR A 911 -4.69 20.18 27.46
C TYR A 911 -4.54 19.58 26.06
N SER A 912 -4.89 20.36 25.04
CA SER A 912 -4.68 19.96 23.64
C SER A 912 -3.20 19.90 23.28
N LEU A 913 -2.44 20.90 23.73
CA LEU A 913 -0.99 20.97 23.50
C LEU A 913 -0.20 19.95 24.31
N ALA A 914 -0.75 19.50 25.44
CA ALA A 914 -0.15 18.43 26.25
C ALA A 914 -0.24 17.07 25.57
N LEU A 915 -1.34 16.81 24.87
CA LEU A 915 -1.57 15.55 24.16
C LEU A 915 -0.58 15.29 23.01
N SER A 916 -0.02 16.36 22.43
CA SER A 916 1.01 16.23 21.39
C SER A 916 2.27 15.52 21.89
N LYS A 917 2.66 15.83 23.13
CA LYS A 917 3.81 15.17 23.78
C LYS A 917 3.49 13.70 24.11
N LEU A 918 2.25 13.42 24.50
CA LEU A 918 1.77 12.05 24.70
C LEU A 918 1.71 11.27 23.39
N GLU A 919 1.32 11.95 22.31
CA GLU A 919 1.27 11.36 20.97
C GLU A 919 2.65 11.01 20.43
N LYS A 920 3.69 11.72 20.87
CA LYS A 920 5.08 11.39 20.51
C LYS A 920 5.55 10.07 21.13
N LYS A 921 5.24 9.86 22.41
CA LYS A 921 5.58 8.61 23.10
C LYS A 921 4.85 7.38 22.55
N GLU A 922 3.68 7.58 21.94
CA GLU A 922 2.96 6.52 21.23
C GLU A 922 3.75 6.06 20.00
N ARG A 923 4.23 7.03 19.22
CA ARG A 923 5.02 6.76 18.01
C ARG A 923 6.40 6.18 18.31
N GLU A 924 7.00 6.57 19.44
CA GLU A 924 8.29 6.03 19.90
C GLU A 924 8.21 4.56 20.29
N ASN A 925 7.15 4.18 21.01
CA ASN A 925 6.94 2.78 21.43
C ASN A 925 6.61 1.81 20.27
N GLY A 926 6.17 2.34 19.13
CA GLY A 926 5.84 1.54 17.95
C GLY A 926 4.37 1.20 17.92
N SER A 927 3.53 2.23 18.01
CA SER A 927 2.07 2.10 17.99
C SER A 927 1.53 2.61 16.66
N ASN A 928 0.56 1.89 16.10
CA ASN A 928 -0.08 2.28 14.84
C ASN A 928 -1.09 3.39 15.08
N LEU A 929 -1.97 3.19 16.06
CA LEU A 929 -2.97 4.18 16.44
C LEU A 929 -2.34 5.33 17.23
N ALA A 930 -1.72 6.25 16.51
CA ALA A 930 -1.10 7.44 17.09
C ALA A 930 -2.11 8.59 17.15
N PHE A 931 -2.74 8.86 16.01
CA PHE A 931 -3.81 9.88 15.90
C PHE A 931 -4.97 9.71 16.90
N MET A 932 -5.24 8.47 17.28
CA MET A 932 -6.18 8.10 18.37
C MET A 932 -6.54 9.18 19.39
N PHE A 933 -5.53 9.71 20.08
CA PHE A 933 -5.76 10.55 21.28
C PHE A 933 -6.23 11.99 21.04
N ARG A 934 -6.28 12.43 19.77
CA ARG A 934 -6.78 13.77 19.45
C ARG A 934 -8.30 13.85 19.69
N LEU A 935 -8.74 14.95 20.28
CA LEU A 935 -10.14 15.13 20.70
C LEU A 935 -11.18 15.09 19.57
N PRO A 936 -10.87 15.69 18.40
CA PRO A 936 -11.79 15.62 17.26
C PRO A 936 -12.04 14.19 16.76
N PHE A 937 -11.01 13.33 16.80
CA PHE A 937 -11.15 11.93 16.40
C PHE A 937 -12.06 11.18 17.37
N ALA A 938 -11.61 11.01 18.62
CA ALA A 938 -12.34 10.23 19.63
C ALA A 938 -13.79 10.66 19.86
N ALA A 939 -14.07 11.94 19.64
CA ALA A 939 -15.45 12.47 19.67
C ALA A 939 -16.33 11.99 18.50
N GLY A 940 -15.69 11.57 17.40
CA GLY A 940 -16.38 11.07 16.22
C GLY A 940 -16.76 12.15 15.22
N ARG A 941 -15.99 13.24 15.23
CA ARG A 941 -16.23 14.38 14.34
C ARG A 941 -15.18 14.47 13.22
N VAL A 942 -14.36 13.44 13.08
CA VAL A 942 -13.42 13.34 11.96
C VAL A 942 -12.87 11.91 11.84
N PHE A 943 -12.52 11.52 10.62
CA PHE A 943 -11.80 10.28 10.38
C PHE A 943 -11.04 10.32 9.06
N SER A 944 -9.93 9.58 9.00
CA SER A 944 -9.12 9.44 7.80
C SER A 944 -9.55 8.21 7.02
N ILE A 945 -9.35 8.25 5.70
CA ILE A 945 -9.56 7.08 4.83
C ILE A 945 -8.50 5.98 5.11
N SER A 946 -7.39 6.35 5.74
CA SER A 946 -6.43 5.38 6.31
C SER A 946 -7.07 4.13 6.92
N MET A 947 -8.18 4.30 7.62
CA MET A 947 -8.94 3.17 8.19
C MET A 947 -9.55 2.23 7.13
N LEU A 948 -10.03 2.80 6.02
CA LEU A 948 -10.55 2.01 4.89
C LEU A 948 -9.46 1.17 4.19
N ASP A 949 -8.23 1.69 4.20
CA ASP A 949 -7.06 0.94 3.69
C ASP A 949 -6.65 -0.18 4.65
N THR A 950 -6.61 0.14 5.95
CA THR A 950 -6.29 -0.83 7.00
C THR A 950 -7.29 -1.99 7.04
N LEU A 951 -8.57 -1.68 6.82
CA LEU A 951 -9.63 -2.68 6.65
C LEU A 951 -9.25 -3.71 5.60
N LEU A 952 -8.80 -3.24 4.43
CA LEU A 952 -8.38 -4.13 3.33
C LEU A 952 -7.18 -5.01 3.68
N TYR A 953 -6.21 -4.44 4.40
CA TYR A 953 -4.97 -5.15 4.75
C TYR A 953 -5.21 -6.24 5.80
N GLN A 954 -5.94 -5.89 6.85
CA GLN A 954 -6.34 -6.84 7.89
C GLN A 954 -7.27 -7.95 7.34
N SER A 955 -8.04 -7.63 6.31
CA SER A 955 -8.95 -8.60 5.67
C SER A 955 -8.28 -9.77 4.95
N PHE A 956 -6.96 -9.71 4.76
CA PHE A 956 -6.18 -10.84 4.23
C PHE A 956 -6.36 -12.10 5.09
N VAL A 957 -5.99 -12.01 6.37
CA VAL A 957 -6.16 -13.11 7.31
C VAL A 957 -7.63 -13.28 7.75
N LYS A 958 -8.37 -12.17 7.82
CA LYS A 958 -9.79 -12.18 8.20
C LYS A 958 -10.69 -11.91 7.00
N ASP A 959 -11.05 -12.97 6.28
CA ASP A 959 -11.85 -12.85 5.05
C ASP A 959 -13.24 -12.25 5.32
N TYR A 960 -13.91 -12.84 6.31
CA TYR A 960 -15.17 -12.31 6.89
C TYR A 960 -15.25 -10.80 7.19
N MET A 961 -14.13 -10.19 7.57
CA MET A 961 -14.07 -8.77 7.98
C MET A 961 -14.76 -7.78 7.03
N ILE A 962 -14.60 -8.00 5.72
CA ILE A 962 -15.17 -7.11 4.70
C ILE A 962 -16.69 -7.08 4.81
N THR A 963 -17.29 -8.27 4.94
CA THR A 963 -18.73 -8.41 5.06
C THR A 963 -19.27 -7.81 6.37
N ILE A 964 -18.50 -7.94 7.46
CA ILE A 964 -18.89 -7.37 8.75
C ILE A 964 -18.93 -5.83 8.66
N THR A 965 -17.82 -5.24 8.23
CA THR A 965 -17.71 -3.78 8.09
C THR A 965 -18.76 -3.17 7.13
N ARG A 966 -19.14 -3.94 6.10
CA ARG A 966 -20.21 -3.54 5.19
C ARG A 966 -21.59 -3.66 5.84
N LEU A 967 -21.82 -4.74 6.59
CA LEU A 967 -23.08 -4.96 7.30
C LEU A 967 -23.30 -4.02 8.48
N LEU A 968 -22.21 -3.68 9.20
CA LEU A 968 -22.27 -2.72 10.32
C LEU A 968 -22.95 -1.40 9.93
N LEU A 969 -22.59 -0.89 8.76
CA LEU A 969 -23.17 0.34 8.21
C LEU A 969 -24.64 0.14 7.81
N GLY A 970 -24.91 -0.97 7.13
CA GLY A 970 -26.23 -1.27 6.58
C GLY A 970 -26.28 -1.07 5.08
N LEU A 971 -25.33 -1.71 4.37
CA LEU A 971 -25.24 -1.64 2.91
C LEU A 971 -25.74 -2.96 2.33
N ASP A 972 -25.08 -4.06 2.71
CA ASP A 972 -25.54 -5.40 2.36
C ASP A 972 -26.80 -5.72 3.18
N THR A 973 -27.93 -5.85 2.50
CA THR A 973 -29.21 -6.11 3.16
C THR A 973 -29.45 -7.61 3.26
N THR A 974 -28.68 -8.26 4.13
CA THR A 974 -28.87 -9.68 4.43
C THR A 974 -30.10 -9.78 5.35
N PRO A 975 -31.13 -10.56 4.94
CA PRO A 975 -32.39 -10.64 5.70
C PRO A 975 -32.26 -10.87 7.21
N GLY A 976 -31.43 -11.84 7.62
CA GLY A 976 -31.27 -12.21 9.03
C GLY A 976 -30.55 -11.19 9.90
N SER A 977 -29.72 -10.35 9.29
CA SER A 977 -28.92 -9.36 10.02
C SER A 977 -29.75 -8.15 10.45
N GLY A 978 -29.11 -7.29 11.26
CA GLY A 978 -29.73 -6.05 11.74
C GLY A 978 -28.91 -4.82 11.35
N TYR A 979 -28.75 -3.90 12.30
CA TYR A 979 -28.07 -2.62 12.05
C TYR A 979 -27.61 -1.97 13.35
N LEU A 980 -26.70 -1.02 13.24
CA LEU A 980 -26.18 -0.29 14.41
C LEU A 980 -27.05 0.93 14.72
N CYS A 981 -27.24 1.17 16.02
CA CYS A 981 -28.11 2.25 16.50
C CYS A 981 -27.67 2.73 17.87
N ALA A 982 -28.29 3.82 18.33
CA ALA A 982 -27.94 4.48 19.60
C ALA A 982 -29.10 4.43 20.61
N MET A 983 -28.74 4.60 21.89
CA MET A 983 -29.72 4.79 22.96
C MET A 983 -29.11 5.66 24.04
N LYS A 984 -29.68 6.86 24.22
CA LYS A 984 -29.15 7.84 25.17
C LYS A 984 -29.51 7.44 26.61
N ILE A 985 -28.49 7.40 27.47
CA ILE A 985 -28.66 7.08 28.90
C ILE A 985 -29.07 8.38 29.62
N THR A 986 -30.37 8.58 29.75
CA THR A 986 -30.94 9.79 30.37
C THR A 986 -30.97 9.68 31.90
N GLU A 987 -31.55 10.68 32.57
CA GLU A 987 -31.72 10.67 34.04
C GLU A 987 -32.51 9.46 34.56
N ASP A 988 -33.49 9.00 33.77
CA ASP A 988 -34.29 7.81 34.12
C ASP A 988 -33.50 6.50 34.01
N ASP A 989 -32.57 6.46 33.06
CA ASP A 989 -31.79 5.23 32.76
C ASP A 989 -30.68 4.90 33.79
N LEU A 990 -30.37 5.80 34.71
CA LEU A 990 -29.42 5.51 35.80
C LEU A 990 -29.92 4.49 36.83
N TRP A 991 -31.19 4.08 36.72
CA TRP A 991 -31.74 2.87 37.38
C TRP A 991 -30.69 1.75 37.48
N ILE A 992 -30.06 1.45 36.35
CA ILE A 992 -28.94 0.50 36.28
C ILE A 992 -27.63 1.29 36.45
N ARG A 993 -26.69 0.69 37.19
CA ARG A 993 -25.42 1.34 37.52
C ARG A 993 -24.32 0.98 36.53
N THR A 994 -24.06 -0.33 36.39
CA THR A 994 -22.90 -0.84 35.65
C THR A 994 -23.25 -1.32 34.24
N TYR A 995 -22.20 -1.57 33.44
CA TYR A 995 -22.34 -2.03 32.06
C TYR A 995 -22.79 -3.50 31.96
N GLY A 996 -22.42 -4.32 32.94
CA GLY A 996 -22.82 -5.72 32.98
C GLY A 996 -24.31 -5.90 33.26
N ARG A 997 -24.81 -5.14 34.22
CA ARG A 997 -26.24 -5.14 34.56
C ARG A 997 -27.12 -4.58 33.44
N LEU A 998 -26.56 -3.70 32.61
CA LEU A 998 -27.26 -3.12 31.45
C LEU A 998 -27.73 -4.15 30.43
N PHE A 999 -27.04 -5.29 30.35
CA PHE A 999 -27.45 -6.39 29.47
C PHE A 999 -28.81 -6.97 29.87
N GLN A 1000 -29.04 -7.14 31.17
CA GLN A 1000 -30.30 -7.74 31.69
C GLN A 1000 -31.55 -7.03 31.16
N LYS A 1001 -31.49 -5.69 31.10
CA LYS A 1001 -32.59 -4.91 30.52
C LYS A 1001 -32.62 -5.04 29.00
N LEU A 1002 -31.50 -4.69 28.35
CA LEU A 1002 -31.46 -4.56 26.88
C LEU A 1002 -31.61 -5.88 26.12
N CYS A 1003 -31.02 -6.95 26.65
CA CYS A 1003 -31.15 -8.28 26.03
C CYS A 1003 -32.56 -8.85 26.19
N SER A 1004 -33.12 -8.74 27.40
CA SER A 1004 -34.48 -9.25 27.69
C SER A 1004 -35.60 -8.36 27.12
N SER A 1005 -35.30 -7.12 26.74
CA SER A 1005 -36.31 -6.21 26.17
C SER A 1005 -36.68 -6.57 24.73
N SER A 1006 -35.72 -6.48 23.82
CA SER A 1006 -35.99 -6.71 22.39
C SER A 1006 -34.72 -7.02 21.57
N ALA A 1007 -34.01 -8.08 21.98
CA ALA A 1007 -32.87 -8.64 21.23
C ALA A 1007 -31.71 -7.67 21.00
N GLU A 1008 -31.54 -6.71 21.91
CA GLU A 1008 -30.58 -5.62 21.73
C GLU A 1008 -29.31 -5.86 22.54
N ILE A 1009 -28.29 -6.40 21.88
CA ILE A 1009 -26.94 -6.48 22.45
C ILE A 1009 -26.22 -5.15 22.19
N PRO A 1010 -25.44 -4.66 23.20
CA PRO A 1010 -24.60 -3.49 22.99
C PRO A 1010 -23.16 -3.86 22.63
N ILE A 1011 -22.51 -3.00 21.84
CA ILE A 1011 -21.09 -3.17 21.49
C ILE A 1011 -20.24 -2.32 22.44
N GLY A 1012 -20.53 -1.03 22.49
CA GLY A 1012 -19.79 -0.09 23.32
C GLY A 1012 -20.58 1.17 23.66
N ILE A 1013 -19.90 2.12 24.30
CA ILE A 1013 -20.53 3.35 24.83
C ILE A 1013 -19.77 4.61 24.41
N TYR A 1014 -20.40 5.75 24.65
CA TYR A 1014 -19.86 7.06 24.25
C TYR A 1014 -20.09 8.09 25.36
N ARG A 1015 -19.07 8.29 26.20
CA ARG A 1015 -19.18 9.17 27.37
C ARG A 1015 -18.94 10.65 27.03
N THR A 1016 -19.36 11.52 27.96
CA THR A 1016 -19.21 12.97 27.82
C THR A 1016 -18.82 13.60 29.17
N GLU A 1017 -17.52 13.78 29.39
CA GLU A 1017 -16.99 14.40 30.61
C GLU A 1017 -16.94 15.93 30.49
N SER A 1018 -16.83 16.61 31.62
CA SER A 1018 -16.74 18.07 31.68
C SER A 1018 -15.28 18.54 31.64
N HIS A 1019 -14.91 19.24 30.57
CA HIS A 1019 -13.58 19.85 30.44
C HIS A 1019 -13.65 21.01 29.44
N MET A 1020 -14.00 22.19 29.95
CA MET A 1020 -14.25 23.38 29.13
C MET A 1020 -12.94 24.15 28.95
N PHE A 1021 -12.56 24.42 27.69
CA PHE A 1021 -11.32 25.12 27.38
C PHE A 1021 -11.45 26.61 27.60
N ALA A 1096 -24.82 64.26 18.63
CA ALA A 1096 -24.38 62.97 19.18
C ALA A 1096 -23.24 63.18 20.17
N GLU A 1097 -23.59 63.54 21.40
CA GLU A 1097 -22.61 63.76 22.48
C GLU A 1097 -22.16 62.47 23.15
N TRP A 1098 -23.05 61.47 23.21
CA TRP A 1098 -22.81 60.22 23.97
C TRP A 1098 -22.35 59.03 23.11
N ILE A 1099 -22.54 59.07 21.79
CA ILE A 1099 -22.18 57.96 20.90
C ILE A 1099 -20.65 57.73 20.83
N SER A 1100 -19.87 58.74 21.20
CA SER A 1100 -18.41 58.62 21.38
C SER A 1100 -17.97 57.45 22.29
N GLN A 1101 -18.79 57.10 23.29
CA GLN A 1101 -18.51 55.96 24.17
C GLN A 1101 -18.59 54.57 23.49
N GLN A 1102 -19.18 54.50 22.30
CA GLN A 1102 -19.24 53.26 21.53
C GLN A 1102 -17.87 52.60 21.26
N ARG A 1103 -16.81 53.42 21.14
CA ARG A 1103 -15.46 52.90 20.93
C ARG A 1103 -14.89 52.09 22.11
N LEU A 1104 -15.28 52.46 23.33
CA LEU A 1104 -14.93 51.67 24.53
C LEU A 1104 -15.56 50.28 24.48
N SER A 1105 -16.80 50.21 24.01
CA SER A 1105 -17.49 48.93 23.81
C SER A 1105 -16.86 48.10 22.68
N LEU A 1106 -16.42 48.77 21.61
CA LEU A 1106 -15.76 48.09 20.48
C LEU A 1106 -14.35 47.62 20.80
N TYR A 1107 -13.53 48.52 21.35
CA TYR A 1107 -12.14 48.21 21.70
C TYR A 1107 -12.06 47.13 22.76
N ARG A 1108 -12.71 47.40 23.89
CA ARG A 1108 -12.72 46.49 25.03
C ARG A 1108 -13.78 45.40 24.76
N ARG A 1109 -13.39 44.44 23.91
CA ARG A 1109 -14.31 43.40 23.40
C ARG A 1109 -13.57 42.12 23.03
N SER A 1110 -14.27 41.00 23.11
CA SER A 1110 -13.74 39.68 22.75
C SER A 1110 -14.13 39.28 21.32
N GLU A 1111 -13.40 38.34 20.75
CA GLU A 1111 -13.71 37.78 19.42
C GLU A 1111 -15.04 37.02 19.41
N ARG A 1112 -15.41 36.44 20.55
CA ARG A 1112 -16.71 35.82 20.74
C ARG A 1112 -17.86 36.79 20.44
N GLN A 1113 -17.74 38.02 20.94
CA GLN A 1113 -18.72 39.08 20.62
C GLN A 1113 -18.67 39.54 19.17
N GLU A 1114 -17.47 39.67 18.62
CA GLU A 1114 -17.27 40.08 17.23
C GLU A 1114 -17.94 39.12 16.25
N LEU A 1115 -17.77 37.82 16.48
CA LEU A 1115 -18.32 36.78 15.61
C LEU A 1115 -19.83 36.62 15.75
N SER A 1116 -20.36 36.79 16.96
CA SER A 1116 -21.79 36.76 17.21
C SER A 1116 -22.50 37.91 16.49
N GLU A 1117 -21.93 39.11 16.65
CA GLU A 1117 -22.47 40.32 16.01
C GLU A 1117 -22.27 40.35 14.49
N LEU A 1118 -21.28 39.62 13.97
CA LEU A 1118 -21.12 39.42 12.52
C LEU A 1118 -22.30 38.64 11.97
N VAL A 1119 -22.54 37.47 12.56
CA VAL A 1119 -23.64 36.57 12.16
C VAL A 1119 -25.00 37.25 12.36
N LYS A 1120 -25.15 38.02 13.44
CA LYS A 1120 -26.39 38.74 13.74
C LYS A 1120 -26.74 39.81 12.70
N ASN A 1121 -25.72 40.44 12.10
CA ASN A 1121 -25.91 41.37 10.98
C ASN A 1121 -26.30 40.67 9.67
N ARG A 1122 -25.78 39.47 9.46
CA ARG A 1122 -26.16 38.65 8.29
C ARG A 1122 -27.62 38.19 8.36
N MET A 1123 -28.11 37.94 9.57
CA MET A 1123 -29.51 37.53 9.80
C MET A 1123 -30.51 38.65 9.50
N LYS A 1124 -30.13 39.90 9.79
CA LYS A 1124 -30.95 41.07 9.43
C LYS A 1124 -30.97 41.34 7.92
N HIS A 1125 -29.87 41.04 7.24
CA HIS A 1125 -29.78 41.14 5.78
C HIS A 1125 -30.71 40.13 5.08
N LEU A 1126 -30.66 38.88 5.51
CA LEU A 1126 -31.50 37.81 4.96
C LEU A 1126 -32.99 37.94 5.35
N GLY A 1127 -33.27 38.61 6.47
CA GLY A 1127 -34.65 38.77 6.95
C GLY A 1127 -35.08 37.54 7.74
N LEU A 1128 -34.38 37.29 8.84
CA LEU A 1128 -34.59 36.11 9.68
C LEU A 1128 -34.67 36.54 11.16
N PRO A 1129 -35.24 35.68 12.04
CA PRO A 1129 -35.24 35.99 13.47
C PRO A 1129 -33.83 35.90 14.09
N THR A 1130 -33.38 37.00 14.69
CA THR A 1130 -32.02 37.10 15.24
C THR A 1130 -31.77 36.32 16.54
N THR A 1131 -32.84 35.86 17.19
CA THR A 1131 -32.74 35.11 18.45
C THR A 1131 -31.98 33.79 18.38
N GLY A 1132 -31.94 33.16 17.21
CA GLY A 1132 -31.39 31.82 17.03
C GLY A 1132 -29.90 31.58 17.28
N TYR A 1133 -29.09 32.64 17.29
CA TYR A 1133 -27.64 32.47 17.52
C TYR A 1133 -27.30 32.16 18.97
N ASP A 1134 -27.88 32.92 19.90
CA ASP A 1134 -27.58 32.79 21.34
C ASP A 1134 -28.54 31.85 22.06
N GLU A 1135 -29.84 31.99 21.78
CA GLU A 1135 -30.88 31.23 22.49
C GLU A 1135 -30.95 29.76 22.04
N MET A 1136 -31.17 29.56 20.74
CA MET A 1136 -31.29 28.20 20.16
C MET A 1136 -29.94 27.47 20.21
N ASN A 1137 -28.89 28.15 19.75
CA ASN A 1137 -27.52 27.61 19.82
C ASN A 1137 -26.83 28.02 21.13
N ASP A 1138 -27.11 27.27 22.19
CA ASP A 1138 -26.41 27.42 23.47
C ASP A 1138 -25.03 26.78 23.36
N HIS A 1139 -24.00 27.51 23.79
CA HIS A 1139 -22.61 27.16 23.50
C HIS A 1139 -22.00 26.21 24.55
N GLN A 1140 -21.84 24.95 24.15
CA GLN A 1140 -21.26 23.89 24.99
C GLN A 1140 -19.92 23.45 24.41
N ASN A 1141 -18.94 23.21 25.30
CA ASN A 1141 -17.59 22.80 24.90
C ASN A 1141 -17.05 21.69 25.80
N THR A 1142 -17.85 20.65 25.98
CA THR A 1142 -17.52 19.53 26.87
C THR A 1142 -16.70 18.45 26.14
N LEU A 1143 -15.83 17.78 26.88
CA LEU A 1143 -14.99 16.69 26.35
C LEU A 1143 -15.83 15.45 26.06
N SER A 1144 -15.35 14.62 25.12
CA SER A 1144 -16.03 13.37 24.77
C SER A 1144 -15.07 12.33 24.17
N TYR A 1145 -15.47 11.06 24.26
CA TYR A 1145 -14.67 9.94 23.77
C TYR A 1145 -15.53 8.67 23.67
N VAL A 1146 -14.97 7.63 23.06
CA VAL A 1146 -15.68 6.36 22.83
C VAL A 1146 -15.00 5.20 23.57
N LEU A 1147 -15.80 4.20 23.94
CA LEU A 1147 -15.30 2.92 24.45
C LEU A 1147 -15.99 1.77 23.72
N ILE A 1148 -15.28 0.66 23.57
CA ILE A 1148 -15.73 -0.50 22.80
C ILE A 1148 -15.59 -1.77 23.64
N ASN A 1149 -16.73 -2.38 23.99
CA ASN A 1149 -16.77 -3.63 24.75
C ASN A 1149 -15.96 -3.53 26.06
N PRO A 1150 -16.41 -2.68 27.00
CA PRO A 1150 -15.73 -2.57 28.29
C PRO A 1150 -16.08 -3.74 29.22
N PRO A 1151 -15.39 -3.84 30.39
CA PRO A 1151 -15.75 -4.84 31.40
C PRO A 1151 -17.19 -4.71 31.94
N PRO A 1152 -17.78 -5.81 32.45
CA PRO A 1152 -19.09 -5.74 33.12
C PRO A 1152 -19.14 -4.80 34.33
N ASP A 1153 -18.05 -4.72 35.09
CA ASP A 1153 -17.98 -3.85 36.28
C ASP A 1153 -17.95 -2.35 35.98
N THR A 1154 -17.61 -1.98 34.74
CA THR A 1154 -17.52 -0.57 34.33
C THR A 1154 -18.84 0.17 34.51
N ARG A 1155 -18.75 1.44 34.93
CA ARG A 1155 -19.91 2.23 35.32
C ARG A 1155 -20.57 2.89 34.11
N LEU A 1156 -21.72 3.53 34.35
CA LEU A 1156 -22.46 4.24 33.31
C LEU A 1156 -22.79 5.66 33.78
N GLU A 1157 -22.16 6.65 33.15
CA GLU A 1157 -22.37 8.05 33.50
C GLU A 1157 -23.66 8.57 32.85
N LEU A 1158 -24.04 9.78 33.23
CA LEU A 1158 -25.23 10.44 32.67
C LEU A 1158 -24.92 10.97 31.27
N ASN A 1159 -25.92 10.90 30.38
CA ASN A 1159 -25.81 11.33 28.99
C ASN A 1159 -24.73 10.59 28.17
N ASP A 1160 -24.61 9.29 28.43
CA ASP A 1160 -23.79 8.39 27.61
C ASP A 1160 -24.68 7.80 26.52
N ILE A 1161 -24.07 7.50 25.37
CA ILE A 1161 -24.79 6.96 24.21
C ILE A 1161 -24.21 5.58 23.89
N VAL A 1162 -25.09 4.56 23.90
CA VAL A 1162 -24.69 3.16 23.80
C VAL A 1162 -24.95 2.63 22.40
N TYR A 1163 -23.94 2.02 21.78
CA TYR A 1163 -24.05 1.48 20.42
C TYR A 1163 -24.76 0.13 20.42
N LEU A 1164 -26.08 0.17 20.21
CA LEU A 1164 -26.91 -1.04 20.19
C LEU A 1164 -26.87 -1.72 18.83
N ILE A 1165 -27.36 -2.96 18.80
CA ILE A 1165 -27.56 -3.70 17.56
C ILE A 1165 -28.97 -4.29 17.57
N ARG A 1166 -29.80 -3.83 16.63
CA ARG A 1166 -31.20 -4.26 16.51
C ARG A 1166 -31.30 -5.52 15.64
N SER A 1167 -32.53 -5.98 15.38
CA SER A 1167 -32.78 -7.11 14.48
C SER A 1167 -33.94 -6.82 13.53
N ASP A 1168 -33.99 -7.58 12.43
CA ASP A 1168 -35.01 -7.43 11.40
C ASP A 1168 -36.30 -8.18 11.81
N PRO A 1169 -37.48 -7.54 11.66
CA PRO A 1169 -38.74 -8.26 11.73
C PRO A 1169 -38.93 -9.28 10.59
#